data_6VIE
#
_entry.id   6VIE
#
_cell.length_a   138.500
_cell.length_b   202.610
_cell.length_c   124.270
_cell.angle_alpha   90.000
_cell.angle_beta   90.000
_cell.angle_gamma   90.000
#
_symmetry.space_group_name_H-M   'C 2 2 21'
#
loop_
_entity.id
_entity.type
_entity.pdbx_description
1 polymer 'Caspase-1 subunit p20'
2 polymer 'Caspase-1 subunit p10'
3 polymer Gasdermin-D
#
loop_
_entity_poly.entity_id
_entity_poly.type
_entity_poly.pdbx_seq_one_letter_code
_entity_poly.pdbx_strand_id
1 'polypeptide(L)'
;MNPAMPTSSGSEGNVKLCSLEEAQRIWKQKSAEIYPIMDKSSRTRLALIICNEEFDSIPRRTGAEVDITGMTMLLQNLGY
SVDVKKNLTASDMTTELEAFAHRPEHKTSDSTFLVFMSHGIREGICGKKHSEQVPDILQLNAIFNMLNTKNCPSLKDKPK
VIIIQAARGDSPGVVWFKDSVGVSG(UNK)(UNK)(UNK)(UNK)(UNK)(UNK)(UNK)(UNK)(UNK)(UNK)(UNK)
(UNK)(UNK)
;
A
2 'polypeptide(L)'
;GSAIKKAHIEKDFIAFCSSTPDNVSWRHPTMGSVFIGRLIEHMQEYACSCDVEEIFRKVRFSFEQPDGRAQMPTTERVTL
TRCFYLFPGH
;
B
3 'polypeptide(L)'
;SMPSAFEKVVKNVIKEVSGSRGDLIPVDSLRNSTSFRPYCLLNRKFSSSRFWKPRYSCVNLSIKDILEPSAPEPEPECFG
SFKVSDVVDGNIQGRVMLSGMGEGKISGGAAVSDSSSASMNVCILRVTQKTWETMQHERHLQQPENKILQQLRSRGDDLF
VVTEVLQTKEEVQITEVHSQEGSGQFTLPGALCLKGEGKGHQSRKKMVTIPAGSILAFRVAQLLIGSKWDILLVSDEKQR
TFEPSSGDSLLSDGIDEEELIEAADFQGLYAEVKACSSELESLEMELRQQILVNIGKILQDQPSMEALEASLGQGLCSGG
QVEPLDGPAGCILECLVLDSGELVPELAAPIFYLLGALAVLSETQQQLLAKALETTVLSKQLELVKHVLEQSTPWQEQSS
VSLPTVLLGDCWDEKNPTWVLLEECGLRLQVESPQVHWEPTSLIPTSALYASLFLLSSLGQKPC
;
C,D
#
# COMPACT_ATOMS: atom_id res chain seq x y z
N GLY A 13 -14.71 -16.05 -47.52
CA GLY A 13 -14.44 -17.42 -47.14
C GLY A 13 -15.41 -17.93 -46.09
N ASN A 14 -15.18 -17.55 -44.83
CA ASN A 14 -16.10 -17.88 -43.75
C ASN A 14 -17.30 -16.96 -43.69
N VAL A 15 -17.44 -16.07 -44.67
CA VAL A 15 -18.60 -15.18 -44.78
C VAL A 15 -19.49 -15.73 -45.89
N LYS A 16 -20.78 -15.91 -45.58
CA LYS A 16 -21.72 -16.39 -46.58
C LYS A 16 -21.74 -15.42 -47.76
N LEU A 17 -21.67 -15.97 -48.96
CA LEU A 17 -21.45 -15.17 -50.15
C LEU A 17 -22.77 -14.81 -50.83
N CYS A 18 -22.74 -13.70 -51.56
CA CYS A 18 -23.90 -13.27 -52.36
C CYS A 18 -23.73 -13.81 -53.77
N SER A 19 -24.62 -14.73 -54.16
CA SER A 19 -24.55 -15.32 -55.49
C SER A 19 -24.73 -14.25 -56.56
N LEU A 20 -24.22 -14.55 -57.75
CA LEU A 20 -24.29 -13.59 -58.85
C LEU A 20 -25.75 -13.28 -59.21
N GLU A 21 -26.62 -14.29 -59.15
CA GLU A 21 -28.05 -14.05 -59.38
C GLU A 21 -28.63 -13.15 -58.31
N GLU A 22 -28.30 -13.42 -57.04
CA GLU A 22 -28.80 -12.61 -55.94
C GLU A 22 -28.27 -11.19 -56.03
N ALA A 23 -26.97 -11.03 -56.30
CA ALA A 23 -26.39 -9.70 -56.42
C ALA A 23 -26.97 -8.94 -57.60
N GLN A 24 -27.24 -9.63 -58.70
CA GLN A 24 -27.77 -8.95 -59.88
C GLN A 24 -29.23 -8.56 -59.72
N ARG A 25 -30.02 -9.37 -58.99
CA ARG A 25 -31.40 -8.97 -58.74
C ARG A 25 -31.52 -7.96 -57.62
N ILE A 26 -30.50 -7.86 -56.75
CA ILE A 26 -30.44 -6.76 -55.80
C ILE A 26 -30.07 -5.47 -56.52
N TRP A 27 -29.09 -5.54 -57.42
CA TRP A 27 -28.65 -4.37 -58.17
C TRP A 27 -29.76 -3.81 -59.07
N LYS A 28 -30.75 -4.62 -59.42
CA LYS A 28 -31.79 -4.17 -60.33
C LYS A 28 -32.73 -3.17 -59.66
N GLN A 29 -33.16 -3.47 -58.43
CA GLN A 29 -34.26 -2.72 -57.82
C GLN A 29 -33.85 -1.29 -57.51
N LYS A 30 -32.78 -1.11 -56.74
CA LYS A 30 -32.38 0.21 -56.27
C LYS A 30 -31.00 0.57 -56.80
N SER A 31 -30.79 0.36 -58.10
CA SER A 31 -29.48 0.58 -58.72
C SER A 31 -28.87 1.93 -58.35
N ALA A 32 -29.68 2.99 -58.38
CA ALA A 32 -29.17 4.31 -58.06
C ALA A 32 -29.15 4.59 -56.55
N GLU A 33 -29.86 3.79 -55.76
CA GLU A 33 -29.83 3.93 -54.31
C GLU A 33 -28.73 3.11 -53.66
N ILE A 34 -27.81 2.55 -54.44
CA ILE A 34 -26.78 1.65 -53.96
C ILE A 34 -25.43 2.19 -54.41
N TYR A 35 -24.46 2.19 -53.51
CA TYR A 35 -23.10 2.57 -53.87
C TYR A 35 -22.55 1.60 -54.91
N PRO A 36 -21.88 2.09 -55.94
CA PRO A 36 -21.31 1.19 -56.95
C PRO A 36 -20.04 0.52 -56.47
N ILE A 37 -19.79 -0.67 -57.00
CA ILE A 37 -18.67 -1.51 -56.60
C ILE A 37 -17.72 -1.63 -57.78
N MET A 38 -16.45 -1.28 -57.54
CA MET A 38 -15.42 -1.50 -58.55
C MET A 38 -15.17 -3.00 -58.70
N ASP A 39 -15.08 -3.46 -59.95
CA ASP A 39 -14.95 -4.89 -60.21
C ASP A 39 -13.69 -5.44 -59.55
N LYS A 40 -13.80 -6.67 -59.05
CA LYS A 40 -12.82 -7.19 -58.10
C LYS A 40 -11.42 -7.32 -58.70
N SER A 41 -11.33 -7.60 -60.00
CA SER A 41 -10.04 -7.96 -60.60
C SER A 41 -9.03 -6.81 -60.46
N SER A 42 -9.46 -5.58 -60.76
CA SER A 42 -8.57 -4.43 -60.77
C SER A 42 -8.71 -3.54 -59.54
N ARG A 43 -9.78 -3.69 -58.76
CA ARG A 43 -9.95 -2.85 -57.58
C ARG A 43 -8.99 -3.27 -56.48
N THR A 44 -8.55 -2.27 -55.70
CA THR A 44 -7.62 -2.48 -54.58
C THR A 44 -8.21 -1.81 -53.35
N ARG A 45 -9.00 -2.57 -52.59
CA ARG A 45 -9.56 -2.04 -51.35
C ARG A 45 -8.48 -1.94 -50.28
N LEU A 46 -8.77 -1.13 -49.27
CA LEU A 46 -7.85 -0.92 -48.16
C LEU A 46 -8.63 -0.81 -46.87
N ALA A 47 -7.94 -1.01 -45.76
CA ALA A 47 -8.55 -0.92 -44.44
C ALA A 47 -7.46 -0.65 -43.42
N LEU A 48 -7.87 -0.11 -42.28
CA LEU A 48 -6.96 0.24 -41.19
C LEU A 48 -7.48 -0.35 -39.90
N ILE A 49 -6.59 -0.96 -39.12
CA ILE A 49 -6.89 -1.45 -37.78
C ILE A 49 -5.88 -0.82 -36.83
N ILE A 50 -6.35 0.03 -35.94
CA ILE A 50 -5.53 0.63 -34.89
C ILE A 50 -6.01 0.07 -33.55
N CYS A 51 -5.09 -0.52 -32.79
CA CYS A 51 -5.44 -1.16 -31.54
C CYS A 51 -4.36 -0.90 -30.50
N ASN A 52 -4.78 -0.56 -29.29
CA ASN A 52 -3.86 -0.30 -28.19
C ASN A 52 -4.11 -1.33 -27.10
N GLU A 53 -3.07 -2.08 -26.75
CA GLU A 53 -3.14 -3.07 -25.68
C GLU A 53 -2.32 -2.67 -24.47
N GLU A 54 -1.04 -2.37 -24.65
CA GLU A 54 -0.19 -1.94 -23.54
C GLU A 54 -0.25 -0.44 -23.37
N PHE A 55 -0.33 0.00 -22.12
CA PHE A 55 -0.39 1.42 -21.79
C PHE A 55 0.62 1.71 -20.69
N ASP A 56 0.89 3.01 -20.49
CA ASP A 56 1.82 3.42 -19.44
C ASP A 56 1.16 3.36 -18.06
N SER A 57 -0.01 3.97 -17.91
CA SER A 57 -0.71 4.02 -16.64
C SER A 57 -2.14 3.49 -16.73
N ILE A 58 -2.53 2.92 -17.86
CA ILE A 58 -3.86 2.36 -18.04
C ILE A 58 -3.71 0.85 -18.17
N PRO A 59 -4.64 0.05 -17.63
CA PRO A 59 -4.50 -1.41 -17.71
C PRO A 59 -4.49 -1.93 -19.13
N ARG A 60 -3.97 -3.15 -19.28
CA ARG A 60 -3.75 -3.76 -20.59
C ARG A 60 -4.99 -4.51 -21.05
N ARG A 61 -5.34 -4.31 -22.32
CA ARG A 61 -6.51 -4.95 -22.93
C ARG A 61 -6.17 -6.39 -23.30
N THR A 62 -6.20 -7.26 -22.29
CA THR A 62 -5.99 -8.68 -22.52
C THR A 62 -7.19 -9.25 -23.29
N GLY A 63 -6.90 -9.88 -24.42
CA GLY A 63 -7.93 -10.33 -25.34
C GLY A 63 -8.06 -9.48 -26.58
N ALA A 64 -7.18 -8.49 -26.77
CA ALA A 64 -7.28 -7.63 -27.95
C ALA A 64 -6.79 -8.35 -29.20
N GLU A 65 -5.77 -9.22 -29.07
CA GLU A 65 -5.25 -9.94 -30.23
C GLU A 65 -6.31 -10.80 -30.88
N VAL A 66 -7.24 -11.35 -30.09
CA VAL A 66 -8.36 -12.11 -30.65
C VAL A 66 -9.17 -11.22 -31.58
N ASP A 67 -9.50 -10.02 -31.12
CA ASP A 67 -10.28 -9.10 -31.95
C ASP A 67 -9.50 -8.66 -33.18
N ILE A 68 -8.19 -8.44 -33.04
CA ILE A 68 -7.38 -8.06 -34.19
C ILE A 68 -7.40 -9.16 -35.24
N THR A 69 -7.19 -10.41 -34.82
CA THR A 69 -7.23 -11.53 -35.75
C THR A 69 -8.59 -11.65 -36.42
N GLY A 70 -9.67 -11.56 -35.63
CA GLY A 70 -11.00 -11.72 -36.18
C GLY A 70 -11.35 -10.63 -37.19
N MET A 71 -11.07 -9.37 -36.83
CA MET A 71 -11.39 -8.27 -37.73
C MET A 71 -10.50 -8.29 -38.96
N THR A 72 -9.24 -8.69 -38.81
CA THR A 72 -8.37 -8.82 -39.97
C THR A 72 -8.91 -9.87 -40.93
N MET A 73 -9.31 -11.03 -40.41
CA MET A 73 -9.87 -12.07 -41.27
C MET A 73 -11.16 -11.61 -41.93
N LEU A 74 -12.00 -10.87 -41.19
CA LEU A 74 -13.24 -10.37 -41.76
C LEU A 74 -12.97 -9.42 -42.92
N LEU A 75 -12.11 -8.42 -42.69
CA LEU A 75 -11.81 -7.46 -43.75
C LEU A 75 -11.08 -8.11 -44.92
N GLN A 76 -10.33 -9.20 -44.66
CA GLN A 76 -9.76 -9.98 -45.75
C GLN A 76 -10.87 -10.62 -46.59
N ASN A 77 -11.82 -11.28 -45.93
CA ASN A 77 -12.89 -11.95 -46.66
C ASN A 77 -13.78 -10.96 -47.40
N LEU A 78 -13.90 -9.74 -46.88
CA LEU A 78 -14.70 -8.72 -47.55
C LEU A 78 -14.01 -8.10 -48.76
N GLY A 79 -12.79 -8.54 -49.09
CA GLY A 79 -12.09 -8.00 -50.23
C GLY A 79 -11.17 -6.83 -49.93
N TYR A 80 -10.94 -6.52 -48.65
CA TYR A 80 -10.06 -5.43 -48.25
C TYR A 80 -8.70 -5.98 -47.86
N SER A 81 -7.69 -5.11 -47.95
CA SER A 81 -6.33 -5.42 -47.53
C SER A 81 -6.03 -4.65 -46.25
N VAL A 82 -5.82 -5.38 -45.17
CA VAL A 82 -5.74 -4.80 -43.83
C VAL A 82 -4.30 -4.37 -43.54
N ASP A 83 -4.16 -3.24 -42.85
CA ASP A 83 -2.89 -2.80 -42.30
C ASP A 83 -3.11 -2.48 -40.83
N VAL A 84 -2.43 -3.21 -39.95
CA VAL A 84 -2.66 -3.13 -38.51
C VAL A 84 -1.55 -2.29 -37.88
N LYS A 85 -1.95 -1.35 -37.02
CA LYS A 85 -1.02 -0.57 -36.21
C LYS A 85 -1.37 -0.76 -34.74
N LYS A 86 -0.35 -0.91 -33.90
CA LYS A 86 -0.54 -1.29 -32.50
C LYS A 86 0.19 -0.33 -31.57
N ASN A 87 -0.50 0.02 -30.47
CA ASN A 87 0.08 0.75 -29.35
C ASN A 87 0.67 2.10 -29.79
N LEU A 88 -0.24 2.95 -30.24
CA LEU A 88 0.09 4.32 -30.63
C LEU A 88 -0.43 5.31 -29.59
N THR A 89 0.23 6.46 -29.51
CA THR A 89 -0.25 7.56 -28.69
C THR A 89 -1.23 8.38 -29.51
N ALA A 90 -1.62 9.55 -29.00
CA ALA A 90 -2.53 10.42 -29.76
C ALA A 90 -1.86 10.91 -31.04
N SER A 91 -0.64 11.45 -30.92
CA SER A 91 0.04 11.98 -32.09
C SER A 91 0.36 10.88 -33.09
N ASP A 92 0.81 9.72 -32.61
CA ASP A 92 1.15 8.64 -33.52
C ASP A 92 -0.09 8.05 -34.19
N MET A 93 -1.20 7.98 -33.45
CA MET A 93 -2.47 7.58 -34.07
C MET A 93 -2.86 8.55 -35.17
N THR A 94 -2.77 9.85 -34.89
CA THR A 94 -3.07 10.86 -35.89
C THR A 94 -2.16 10.72 -37.12
N THR A 95 -0.87 10.46 -36.89
CA THR A 95 0.06 10.38 -38.01
C THR A 95 -0.18 9.14 -38.86
N GLU A 96 -0.49 8.01 -38.22
CA GLU A 96 -0.83 6.81 -39.00
C GLU A 96 -2.15 7.00 -39.74
N LEU A 97 -3.09 7.76 -39.16
CA LEU A 97 -4.30 8.09 -39.90
C LEU A 97 -3.98 8.94 -41.13
N GLU A 98 -3.07 9.91 -40.97
CA GLU A 98 -2.61 10.69 -42.12
C GLU A 98 -2.02 9.79 -43.20
N ALA A 99 -1.13 8.88 -42.79
CA ALA A 99 -0.48 7.99 -43.75
C ALA A 99 -1.49 7.10 -44.45
N PHE A 100 -2.51 6.65 -43.72
CA PHE A 100 -3.56 5.84 -44.35
C PHE A 100 -4.38 6.66 -45.33
N ALA A 101 -4.66 7.91 -44.99
CA ALA A 101 -5.39 8.78 -45.92
C ALA A 101 -4.55 9.11 -47.15
N HIS A 102 -3.23 9.05 -47.03
CA HIS A 102 -2.34 9.34 -48.14
C HIS A 102 -2.00 8.10 -48.98
N ARG A 103 -2.52 6.94 -48.62
CA ARG A 103 -2.25 5.73 -49.40
C ARG A 103 -2.81 5.87 -50.81
N PRO A 104 -1.97 5.75 -51.86
CA PRO A 104 -2.49 5.88 -53.23
C PRO A 104 -3.44 4.78 -53.63
N GLU A 105 -3.56 3.70 -52.85
CA GLU A 105 -4.50 2.63 -53.19
C GLU A 105 -5.95 3.07 -53.02
N HIS A 106 -6.20 4.13 -52.26
CA HIS A 106 -7.56 4.67 -52.16
C HIS A 106 -8.03 5.28 -53.48
N LYS A 107 -7.11 5.71 -54.34
CA LYS A 107 -7.50 6.27 -55.63
C LYS A 107 -8.24 5.25 -56.49
N THR A 108 -7.91 3.96 -56.34
CA THR A 108 -8.58 2.89 -57.07
C THR A 108 -9.41 2.00 -56.13
N SER A 109 -9.72 2.48 -54.93
CA SER A 109 -10.56 1.76 -53.99
C SER A 109 -11.97 2.33 -54.01
N ASP A 110 -12.96 1.46 -53.84
CA ASP A 110 -14.36 1.88 -53.82
C ASP A 110 -14.91 2.10 -52.41
N SER A 111 -14.14 1.79 -51.38
CA SER A 111 -14.57 1.95 -50.00
C SER A 111 -13.34 1.75 -49.11
N THR A 112 -13.56 1.88 -47.80
CA THR A 112 -12.50 1.64 -46.82
C THR A 112 -13.14 1.42 -45.46
N PHE A 113 -12.37 0.78 -44.57
CA PHE A 113 -12.80 0.54 -43.20
C PHE A 113 -11.74 1.06 -42.25
N LEU A 114 -12.19 1.59 -41.12
CA LEU A 114 -11.29 2.14 -40.11
C LEU A 114 -11.76 1.64 -38.74
N VAL A 115 -10.99 0.75 -38.14
CA VAL A 115 -11.39 0.07 -36.91
C VAL A 115 -10.42 0.47 -35.81
N PHE A 116 -10.91 1.27 -34.86
CA PHE A 116 -10.11 1.75 -33.73
C PHE A 116 -10.58 1.06 -32.45
N MET A 117 -9.64 0.48 -31.72
CA MET A 117 -9.93 -0.31 -30.52
C MET A 117 -8.94 0.04 -29.43
N SER A 118 -9.43 0.62 -28.35
CA SER A 118 -8.61 0.99 -27.20
C SER A 118 -9.55 1.33 -26.05
N HIS A 119 -8.99 1.88 -24.97
CA HIS A 119 -9.79 2.46 -23.91
C HIS A 119 -10.43 3.75 -24.42
N GLY A 120 -11.16 4.44 -23.55
CA GLY A 120 -11.75 5.69 -23.98
C GLY A 120 -12.56 6.36 -22.90
N ILE A 121 -12.91 7.62 -23.19
CA ILE A 121 -13.89 8.40 -22.44
C ILE A 121 -14.78 9.11 -23.46
N ARG A 122 -15.70 9.93 -22.96
CA ARG A 122 -16.62 10.63 -23.87
C ARG A 122 -15.86 11.52 -24.84
N GLU A 123 -14.82 12.21 -24.36
CA GLU A 123 -14.07 13.11 -25.23
C GLU A 123 -13.47 12.36 -26.41
N GLY A 124 -12.94 11.17 -26.17
CA GLY A 124 -12.44 10.36 -27.27
C GLY A 124 -11.69 9.13 -26.78
N ILE A 125 -10.90 8.56 -27.69
CA ILE A 125 -10.14 7.34 -27.44
C ILE A 125 -8.84 7.69 -26.73
N CYS A 126 -8.32 6.72 -25.97
CA CYS A 126 -7.13 6.93 -25.15
C CYS A 126 -5.88 6.53 -25.91
N GLY A 127 -4.83 7.35 -25.79
CA GLY A 127 -3.52 6.99 -26.29
C GLY A 127 -2.83 6.00 -25.36
N LYS A 128 -1.63 5.60 -25.77
CA LYS A 128 -0.86 4.65 -24.97
C LYS A 128 -0.43 5.26 -23.64
N LYS A 129 0.04 6.51 -23.67
CA LYS A 129 0.49 7.20 -22.47
C LYS A 129 -0.59 8.05 -21.82
N HIS A 130 -1.86 7.64 -21.96
CA HIS A 130 -2.95 8.39 -21.37
C HIS A 130 -2.86 8.37 -19.85
N SER A 131 -3.28 9.47 -19.23
CA SER A 131 -3.33 9.61 -17.79
C SER A 131 -4.17 10.85 -17.47
N GLU A 132 -4.83 10.83 -16.32
CA GLU A 132 -5.68 11.97 -15.96
C GLU A 132 -4.87 13.24 -15.69
N GLN A 133 -3.55 13.13 -15.55
CA GLN A 133 -2.69 14.31 -15.48
C GLN A 133 -2.16 14.70 -16.85
N VAL A 134 -1.72 13.73 -17.65
CA VAL A 134 -1.23 13.97 -19.00
C VAL A 134 -2.09 13.19 -19.99
N PRO A 135 -3.26 13.72 -20.37
CA PRO A 135 -4.16 12.95 -21.22
C PRO A 135 -3.63 12.77 -22.63
N ASP A 136 -4.02 11.65 -23.25
CA ASP A 136 -3.70 11.33 -24.64
C ASP A 136 -5.01 10.89 -25.27
N ILE A 137 -5.73 11.84 -25.88
CA ILE A 137 -7.10 11.62 -26.32
C ILE A 137 -7.22 11.94 -27.81
N LEU A 138 -8.01 11.15 -28.51
CA LEU A 138 -8.37 11.36 -29.91
C LEU A 138 -9.87 11.55 -29.98
N GLN A 139 -10.32 12.75 -30.34
CA GLN A 139 -11.73 13.10 -30.25
C GLN A 139 -12.54 12.41 -31.34
N LEU A 140 -13.87 12.39 -31.12
CA LEU A 140 -14.79 11.86 -32.11
C LEU A 140 -14.74 12.68 -33.40
N ASN A 141 -14.57 14.00 -33.27
CA ASN A 141 -14.57 14.87 -34.44
C ASN A 141 -13.31 14.69 -35.29
N ALA A 142 -12.21 14.27 -34.67
CA ALA A 142 -10.91 14.32 -35.33
C ALA A 142 -10.82 13.32 -36.48
N ILE A 143 -11.31 12.09 -36.28
CA ILE A 143 -11.22 11.08 -37.32
C ILE A 143 -12.04 11.50 -38.54
N PHE A 144 -13.27 11.96 -38.29
CA PHE A 144 -14.10 12.47 -39.38
C PHE A 144 -13.44 13.64 -40.08
N ASN A 145 -12.79 14.53 -39.32
CA ASN A 145 -12.14 15.69 -39.91
C ASN A 145 -10.97 15.28 -40.79
N MET A 146 -10.25 14.23 -40.40
CA MET A 146 -9.07 13.83 -41.16
C MET A 146 -9.40 12.94 -42.36
N LEU A 147 -10.53 12.23 -42.33
CA LEU A 147 -10.89 11.34 -43.42
C LEU A 147 -11.89 11.98 -44.38
N ASN A 148 -12.09 13.29 -44.32
CA ASN A 148 -13.13 13.95 -45.10
C ASN A 148 -12.64 14.20 -46.52
N THR A 149 -13.38 15.00 -47.27
CA THR A 149 -13.03 15.30 -48.66
C THR A 149 -11.86 16.28 -48.75
N LYS A 150 -11.76 17.23 -47.81
CA LYS A 150 -10.68 18.22 -47.87
C LYS A 150 -9.33 17.63 -47.54
N ASN A 151 -9.27 16.53 -46.78
CA ASN A 151 -8.02 15.91 -46.40
C ASN A 151 -7.75 14.59 -47.10
N CYS A 152 -8.78 13.84 -47.46
CA CYS A 152 -8.65 12.60 -48.22
C CYS A 152 -9.61 12.61 -49.40
N PRO A 153 -9.32 13.42 -50.42
CA PRO A 153 -10.18 13.44 -51.61
C PRO A 153 -10.16 12.15 -52.41
N SER A 154 -9.27 11.21 -52.08
CA SER A 154 -9.23 9.93 -52.79
C SER A 154 -10.46 9.08 -52.52
N LEU A 155 -11.23 9.39 -51.47
CA LEU A 155 -12.40 8.61 -51.09
C LEU A 155 -13.69 9.41 -51.21
N LYS A 156 -13.69 10.47 -52.01
CA LYS A 156 -14.91 11.24 -52.23
C LYS A 156 -15.97 10.38 -52.90
N ASP A 157 -17.22 10.49 -52.42
CA ASP A 157 -18.34 9.72 -52.92
C ASP A 157 -18.14 8.22 -52.69
N LYS A 158 -17.39 7.86 -51.65
CA LYS A 158 -17.13 6.47 -51.31
C LYS A 158 -17.39 6.24 -49.83
N PRO A 159 -17.98 5.10 -49.48
CA PRO A 159 -18.33 4.86 -48.07
C PRO A 159 -17.08 4.67 -47.22
N LYS A 160 -17.11 5.27 -46.03
CA LYS A 160 -16.00 5.21 -45.08
C LYS A 160 -16.57 4.76 -43.73
N VAL A 161 -16.43 3.48 -43.43
CA VAL A 161 -16.99 2.89 -42.22
C VAL A 161 -15.96 2.95 -41.10
N ILE A 162 -16.35 3.52 -39.96
CA ILE A 162 -15.48 3.67 -38.80
C ILE A 162 -16.09 2.86 -37.67
N ILE A 163 -15.39 1.81 -37.24
CA ILE A 163 -15.81 0.97 -36.13
C ILE A 163 -14.96 1.32 -34.92
N ILE A 164 -15.62 1.61 -33.79
CA ILE A 164 -14.94 2.07 -32.58
C ILE A 164 -15.35 1.16 -31.44
N GLN A 165 -14.39 0.37 -30.94
CA GLN A 165 -14.58 -0.43 -29.74
C GLN A 165 -13.83 0.27 -28.60
N ALA A 166 -14.58 0.88 -27.70
CA ALA A 166 -14.04 1.60 -26.56
C ALA A 166 -15.18 1.95 -25.62
N ALA A 167 -14.82 2.46 -24.46
CA ALA A 167 -15.82 2.93 -23.49
C ALA A 167 -16.05 4.42 -23.73
N ARG A 168 -17.29 4.79 -23.99
CA ARG A 168 -17.64 6.20 -24.10
C ARG A 168 -17.80 6.86 -22.74
N GLY A 169 -17.52 6.13 -21.67
CA GLY A 169 -17.57 6.69 -20.34
C GLY A 169 -17.17 5.66 -19.31
N ASP A 170 -17.56 5.89 -18.06
CA ASP A 170 -17.27 4.97 -16.97
C ASP A 170 -18.53 4.48 -16.26
N SER A 171 -19.72 4.73 -16.84
CA SER A 171 -20.99 4.36 -16.24
C SER A 171 -21.38 2.94 -16.65
N PRO A 172 -22.30 2.31 -15.89
CA PRO A 172 -22.66 0.92 -16.23
C PRO A 172 -23.38 0.77 -17.55
N GLY A 173 -24.17 1.76 -17.95
CA GLY A 173 -24.97 1.66 -19.16
C GLY A 173 -26.35 1.10 -18.95
N VAL A 174 -26.76 0.85 -17.70
CA VAL A 174 -28.06 0.29 -17.37
C VAL A 174 -28.66 1.12 -16.24
N VAL A 175 -29.94 0.87 -15.99
CA VAL A 175 -30.66 1.53 -14.90
C VAL A 175 -31.64 0.52 -14.30
N TRP A 176 -31.77 0.55 -12.98
CA TRP A 176 -32.59 -0.40 -12.25
C TRP A 176 -33.81 0.29 -11.67
N PHE A 177 -34.98 -0.28 -11.92
CA PHE A 177 -36.23 0.15 -11.33
C PHE A 177 -36.89 -1.02 -10.63
N LYS A 178 -37.95 -0.75 -9.89
CA LYS A 178 -38.78 -1.81 -9.37
C LYS A 178 -39.76 -2.26 -10.45
N ASP A 179 -39.89 -3.57 -10.64
CA ASP A 179 -40.99 -4.09 -11.43
C ASP A 179 -41.38 -5.44 -10.84
N SER A 180 -42.34 -5.41 -9.93
CA SER A 180 -42.90 -6.63 -9.36
C SER A 180 -44.20 -6.95 -10.08
N VAL A 181 -45.03 -7.78 -9.46
CA VAL A 181 -46.35 -8.08 -10.00
C VAL A 181 -46.27 -8.76 -11.36
N UNK A 186 -57.53 -10.78 -15.32
CA UNK A 186 -58.61 -10.43 -14.41
C UNK A 186 -59.53 -11.63 -14.16
N UNK A 187 -58.93 -12.81 -14.04
CA UNK A 187 -59.71 -14.03 -13.81
C UNK A 187 -60.30 -14.01 -12.41
N UNK A 188 -61.58 -14.37 -12.31
CA UNK A 188 -62.29 -14.41 -11.03
C UNK A 188 -62.05 -15.78 -10.39
N UNK A 189 -61.01 -15.85 -9.56
CA UNK A 189 -60.64 -17.08 -8.88
C UNK A 189 -60.24 -16.73 -7.44
N UNK A 190 -59.63 -17.69 -6.76
CA UNK A 190 -59.23 -17.53 -5.37
C UNK A 190 -57.73 -17.29 -5.28
N UNK A 191 -57.32 -16.64 -4.20
CA UNK A 191 -55.90 -16.45 -3.93
C UNK A 191 -55.27 -17.78 -3.56
N UNK A 192 -54.11 -18.08 -4.16
CA UNK A 192 -53.47 -19.38 -3.98
C UNK A 192 -52.39 -19.39 -2.91
N UNK A 193 -52.00 -18.23 -2.39
CA UNK A 193 -50.89 -18.17 -1.45
C UNK A 193 -51.35 -18.40 -0.02
N UNK A 194 -50.38 -18.67 0.84
CA UNK A 194 -50.54 -18.71 2.29
C UNK A 194 -49.60 -17.69 2.91
N UNK A 195 -49.50 -17.71 4.24
CA UNK A 195 -48.58 -16.86 4.99
C UNK A 195 -48.84 -15.38 4.69
N UNK A 196 -50.03 -14.92 5.06
CA UNK A 196 -50.41 -13.54 4.79
C UNK A 196 -49.80 -12.58 5.81
N UNK A 197 -50.12 -12.78 7.09
CA UNK A 197 -49.67 -11.87 8.15
C UNK A 197 -48.20 -12.13 8.44
N UNK A 198 -47.35 -11.49 7.64
CA UNK A 198 -45.89 -11.62 7.81
C UNK A 198 -45.26 -10.25 8.00
N ALA B 3 -11.38 25.97 -64.60
CA ALA B 3 -12.75 25.61 -64.22
C ALA B 3 -12.78 24.92 -62.87
N ILE B 4 -13.85 25.14 -62.12
CA ILE B 4 -13.98 24.59 -60.77
C ILE B 4 -15.28 23.80 -60.67
N LYS B 5 -15.27 22.79 -59.80
CA LYS B 5 -16.49 22.12 -59.39
C LYS B 5 -16.43 21.93 -57.88
N LYS B 6 -17.61 21.77 -57.26
CA LYS B 6 -17.68 21.66 -55.78
C LYS B 6 -18.33 20.35 -55.34
N ALA B 7 -17.81 19.80 -54.25
CA ALA B 7 -18.29 18.59 -53.61
C ALA B 7 -18.55 18.86 -52.13
N HIS B 8 -19.47 18.10 -51.56
CA HIS B 8 -19.78 18.23 -50.14
C HIS B 8 -18.53 17.98 -49.30
N ILE B 9 -18.34 18.83 -48.29
CA ILE B 9 -17.11 18.74 -47.48
C ILE B 9 -17.08 17.43 -46.70
N GLU B 10 -18.23 16.98 -46.21
CA GLU B 10 -18.31 15.74 -45.45
C GLU B 10 -19.55 14.97 -45.90
N LYS B 11 -19.36 13.72 -46.31
CA LYS B 11 -20.44 12.89 -46.80
C LYS B 11 -19.98 11.44 -46.81
N ASP B 12 -20.95 10.53 -46.75
CA ASP B 12 -20.71 9.10 -46.88
C ASP B 12 -19.91 8.53 -45.71
N PHE B 13 -20.01 9.17 -44.54
CA PHE B 13 -19.41 8.65 -43.33
C PHE B 13 -20.42 7.83 -42.54
N ILE B 14 -19.91 6.98 -41.65
CA ILE B 14 -20.72 6.28 -40.68
C ILE B 14 -19.84 5.81 -39.54
N ALA B 15 -20.27 6.04 -38.31
CA ALA B 15 -19.54 5.60 -37.13
C ALA B 15 -20.34 4.55 -36.38
N PHE B 16 -19.66 3.55 -35.83
CA PHE B 16 -20.29 2.53 -35.01
C PHE B 16 -19.49 2.38 -33.72
N CYS B 17 -20.06 2.88 -32.63
CA CYS B 17 -19.40 2.85 -31.33
C CYS B 17 -19.96 1.69 -30.50
N SER B 18 -19.06 1.07 -29.72
CA SER B 18 -19.39 -0.12 -28.95
C SER B 18 -20.38 0.14 -27.82
N SER B 19 -20.75 1.38 -27.57
CA SER B 19 -21.65 1.70 -26.47
C SER B 19 -22.31 3.04 -26.74
N THR B 20 -23.26 3.38 -25.88
CA THR B 20 -23.85 4.71 -25.86
C THR B 20 -22.90 5.67 -25.15
N PRO B 21 -23.06 6.98 -25.37
CA PRO B 21 -22.20 7.94 -24.66
C PRO B 21 -22.27 7.78 -23.16
N ASP B 22 -21.12 8.01 -22.51
CA ASP B 22 -20.91 7.96 -21.06
C ASP B 22 -20.92 6.55 -20.49
N ASN B 23 -21.10 5.53 -21.30
CA ASN B 23 -21.20 4.16 -20.82
C ASN B 23 -19.98 3.34 -21.25
N VAL B 24 -19.72 2.27 -20.49
CA VAL B 24 -18.56 1.42 -20.72
C VAL B 24 -18.85 0.41 -21.81
N SER B 25 -17.80 -0.26 -22.29
CA SER B 25 -17.92 -1.42 -23.16
C SER B 25 -17.11 -2.56 -22.56
N TRP B 26 -17.44 -3.78 -22.94
CA TRP B 26 -16.94 -4.96 -22.25
C TRP B 26 -16.17 -5.87 -23.20
N ARG B 27 -15.15 -6.54 -22.64
CA ARG B 27 -14.23 -7.36 -23.40
C ARG B 27 -13.81 -8.55 -22.55
N HIS B 28 -13.81 -9.74 -23.17
CA HIS B 28 -13.41 -10.96 -22.49
C HIS B 28 -11.95 -11.28 -22.77
N PRO B 29 -11.19 -11.70 -21.76
CA PRO B 29 -9.75 -11.95 -21.98
C PRO B 29 -9.47 -13.07 -22.97
N THR B 30 -10.30 -14.12 -22.98
CA THR B 30 -10.16 -15.23 -23.91
C THR B 30 -11.03 -15.08 -25.15
N MET B 31 -12.27 -14.62 -24.98
CA MET B 31 -13.20 -14.53 -26.11
C MET B 31 -12.99 -13.25 -26.91
N GLY B 32 -12.71 -12.14 -26.24
CA GLY B 32 -12.54 -10.86 -26.89
C GLY B 32 -13.64 -9.88 -26.51
N SER B 33 -13.71 -8.79 -27.26
CA SER B 33 -14.71 -7.77 -27.02
C SER B 33 -16.08 -8.24 -27.55
N VAL B 34 -17.12 -8.05 -26.74
CA VAL B 34 -18.45 -8.51 -27.12
C VAL B 34 -18.92 -7.81 -28.39
N PHE B 35 -18.64 -6.51 -28.51
CA PHE B 35 -19.07 -5.75 -29.68
C PHE B 35 -18.42 -6.27 -30.94
N ILE B 36 -17.09 -6.48 -30.89
CA ILE B 36 -16.38 -6.97 -32.06
C ILE B 36 -16.90 -8.34 -32.48
N GLY B 37 -17.10 -9.23 -31.51
CA GLY B 37 -17.60 -10.56 -31.85
C GLY B 37 -18.99 -10.53 -32.46
N ARG B 38 -19.90 -9.75 -31.85
CA ARG B 38 -21.25 -9.65 -32.39
C ARG B 38 -21.24 -9.06 -33.79
N LEU B 39 -20.42 -8.03 -34.02
CA LEU B 39 -20.35 -7.42 -35.33
C LEU B 39 -19.78 -8.39 -36.37
N ILE B 40 -18.74 -9.14 -36.00
CA ILE B 40 -18.16 -10.10 -36.93
C ILE B 40 -19.18 -11.18 -37.28
N GLU B 41 -19.95 -11.65 -36.30
CA GLU B 41 -20.96 -12.66 -36.58
C GLU B 41 -22.04 -12.10 -37.51
N HIS B 42 -22.56 -10.92 -37.19
CA HIS B 42 -23.61 -10.33 -38.01
C HIS B 42 -23.13 -10.04 -39.43
N MET B 43 -21.85 -9.70 -39.59
CA MET B 43 -21.33 -9.47 -40.92
C MET B 43 -21.11 -10.78 -41.67
N GLN B 44 -20.56 -11.79 -41.01
CA GLN B 44 -20.40 -13.10 -41.64
C GLN B 44 -21.73 -13.67 -42.10
N GLU B 45 -22.82 -13.35 -41.39
CA GLU B 45 -24.11 -13.91 -41.76
C GLU B 45 -24.86 -13.03 -42.77
N TYR B 46 -25.07 -11.77 -42.45
CA TYR B 46 -26.02 -10.92 -43.17
C TYR B 46 -25.39 -10.10 -44.29
N ALA B 47 -24.06 -10.13 -44.47
CA ALA B 47 -23.46 -9.32 -45.52
C ALA B 47 -23.88 -9.79 -46.90
N CYS B 48 -24.20 -11.08 -47.05
CA CYS B 48 -24.63 -11.60 -48.34
C CYS B 48 -25.97 -11.05 -48.79
N SER B 49 -26.79 -10.57 -47.86
CA SER B 49 -28.12 -10.08 -48.22
C SER B 49 -28.40 -8.66 -47.73
N CYS B 50 -27.89 -8.29 -46.56
CA CYS B 50 -28.16 -6.98 -45.97
C CYS B 50 -26.97 -6.05 -46.14
N ASP B 51 -27.25 -4.75 -46.06
CA ASP B 51 -26.24 -3.72 -46.25
C ASP B 51 -25.66 -3.30 -44.90
N VAL B 52 -24.67 -2.39 -44.96
CA VAL B 52 -23.91 -2.03 -43.76
C VAL B 52 -24.80 -1.31 -42.75
N GLU B 53 -25.75 -0.51 -43.24
CA GLU B 53 -26.62 0.24 -42.32
C GLU B 53 -27.51 -0.70 -41.52
N GLU B 54 -28.10 -1.70 -42.19
CA GLU B 54 -29.04 -2.59 -41.51
C GLU B 54 -28.32 -3.59 -40.61
N ILE B 55 -27.11 -4.01 -40.98
CA ILE B 55 -26.36 -4.92 -40.13
C ILE B 55 -26.09 -4.30 -38.77
N PHE B 56 -25.91 -2.98 -38.72
CA PHE B 56 -25.65 -2.33 -37.44
C PHE B 56 -26.90 -2.27 -36.57
N ARG B 57 -28.07 -2.02 -37.20
CA ARG B 57 -29.31 -2.10 -36.44
C ARG B 57 -29.55 -3.52 -35.93
N LYS B 58 -29.19 -4.53 -36.73
CA LYS B 58 -29.35 -5.91 -36.28
C LYS B 58 -28.42 -6.21 -35.11
N VAL B 59 -27.19 -5.69 -35.17
CA VAL B 59 -26.27 -5.81 -34.03
C VAL B 59 -26.88 -5.17 -32.79
N ARG B 60 -27.47 -3.98 -32.94
CA ARG B 60 -28.12 -3.34 -31.80
C ARG B 60 -29.25 -4.18 -31.26
N PHE B 61 -30.07 -4.75 -32.15
CA PHE B 61 -31.19 -5.58 -31.71
C PHE B 61 -30.70 -6.84 -31.01
N SER B 62 -29.52 -7.34 -31.38
CA SER B 62 -28.92 -8.43 -30.62
C SER B 62 -28.56 -7.98 -29.21
N PHE B 63 -28.20 -6.71 -29.05
CA PHE B 63 -27.87 -6.15 -27.74
C PHE B 63 -29.10 -5.59 -27.03
N GLU B 64 -30.30 -5.86 -27.53
CA GLU B 64 -31.50 -5.23 -26.99
C GLU B 64 -31.72 -5.62 -25.54
N GLN B 65 -31.78 -6.91 -25.26
CA GLN B 65 -32.04 -7.37 -23.90
C GLN B 65 -30.77 -7.24 -23.06
N PRO B 66 -30.86 -6.62 -21.89
CA PRO B 66 -29.67 -6.51 -21.01
C PRO B 66 -29.17 -7.89 -20.60
N ASP B 67 -27.86 -8.08 -20.78
CA ASP B 67 -27.20 -9.37 -20.53
C ASP B 67 -26.28 -9.29 -19.30
N GLY B 68 -26.72 -8.59 -18.26
CA GLY B 68 -25.92 -8.43 -17.06
C GLY B 68 -24.96 -7.26 -17.18
N ARG B 69 -24.00 -7.38 -18.08
CA ARG B 69 -23.05 -6.32 -18.41
C ARG B 69 -23.48 -5.58 -19.65
N ALA B 70 -24.77 -5.32 -19.79
CA ALA B 70 -25.36 -4.81 -21.01
C ALA B 70 -24.65 -3.56 -21.52
N GLN B 71 -24.72 -3.37 -22.83
CA GLN B 71 -24.20 -2.21 -23.52
C GLN B 71 -24.99 -2.07 -24.82
N MET B 72 -25.19 -0.84 -25.25
CA MET B 72 -25.95 -0.59 -26.47
C MET B 72 -25.07 0.13 -27.49
N PRO B 73 -24.63 -0.56 -28.54
CA PRO B 73 -23.82 0.12 -29.56
C PRO B 73 -24.62 1.20 -30.26
N THR B 74 -23.93 2.26 -30.68
CA THR B 74 -24.57 3.42 -31.27
C THR B 74 -24.04 3.67 -32.68
N THR B 75 -24.95 3.96 -33.60
CA THR B 75 -24.57 4.45 -34.93
C THR B 75 -24.53 5.97 -34.88
N GLU B 76 -23.33 6.53 -35.07
CA GLU B 76 -23.07 7.94 -34.86
C GLU B 76 -22.69 8.62 -36.17
N ARG B 77 -23.29 9.79 -36.40
CA ARG B 77 -22.82 10.73 -37.42
C ARG B 77 -22.77 10.10 -38.81
N VAL B 78 -23.80 9.33 -39.14
CA VAL B 78 -23.85 8.66 -40.43
C VAL B 78 -24.34 9.64 -41.50
N THR B 79 -23.51 9.86 -42.52
CA THR B 79 -23.84 10.74 -43.63
C THR B 79 -23.91 9.95 -44.94
N LEU B 80 -24.27 8.67 -44.86
CA LEU B 80 -24.44 7.87 -46.06
C LEU B 80 -25.61 8.40 -46.88
N THR B 81 -25.46 8.37 -48.21
CA THR B 81 -26.50 8.81 -49.11
C THR B 81 -27.09 7.67 -49.95
N ARG B 82 -26.43 6.52 -49.99
CA ARG B 82 -26.93 5.35 -50.71
C ARG B 82 -26.76 4.13 -49.83
N CYS B 83 -27.32 3.00 -50.27
CA CYS B 83 -27.19 1.75 -49.55
C CYS B 83 -25.84 1.11 -49.88
N PHE B 84 -25.03 0.85 -48.86
CA PHE B 84 -23.69 0.27 -49.04
C PHE B 84 -23.79 -1.22 -48.79
N TYR B 85 -23.87 -1.99 -49.87
CA TYR B 85 -23.80 -3.44 -49.80
C TYR B 85 -22.37 -3.88 -50.10
N LEU B 86 -21.82 -4.75 -49.26
CA LEU B 86 -20.46 -5.20 -49.45
C LEU B 86 -20.31 -6.19 -50.59
N PHE B 87 -21.40 -6.85 -50.99
CA PHE B 87 -21.42 -7.85 -52.07
C PHE B 87 -20.30 -8.87 -51.87
N PRO B 88 -20.38 -9.73 -50.86
CA PRO B 88 -19.31 -10.71 -50.64
C PRO B 88 -19.27 -11.72 -51.78
N GLY B 89 -18.08 -11.92 -52.33
CA GLY B 89 -17.90 -12.75 -53.50
C GLY B 89 -17.79 -12.00 -54.80
N HIS B 90 -17.87 -10.67 -54.77
CA HIS B 90 -17.75 -9.86 -55.97
C HIS B 90 -16.87 -8.63 -55.70
N SER C 4 -13.46 -6.33 29.38
CA SER C 4 -13.18 -7.13 30.56
C SER C 4 -11.81 -6.80 31.13
N ALA C 5 -11.55 -7.24 32.37
CA ALA C 5 -10.29 -6.94 33.03
C ALA C 5 -9.14 -7.78 32.48
N PHE C 6 -9.45 -8.98 32.00
CA PHE C 6 -8.40 -9.81 31.44
C PHE C 6 -7.93 -9.23 30.12
N GLU C 7 -8.83 -8.57 29.39
CA GLU C 7 -8.40 -7.82 28.21
C GLU C 7 -7.50 -6.66 28.59
N LYS C 8 -7.60 -6.17 29.83
CA LYS C 8 -6.74 -5.07 30.25
C LYS C 8 -5.38 -5.56 30.71
N VAL C 9 -5.32 -6.78 31.27
CA VAL C 9 -4.02 -7.31 31.69
C VAL C 9 -3.26 -7.90 30.50
N VAL C 10 -3.99 -8.41 29.50
CA VAL C 10 -3.35 -9.01 28.32
C VAL C 10 -2.54 -7.96 27.55
N LYS C 11 -3.11 -6.77 27.38
CA LYS C 11 -2.44 -5.77 26.55
C LYS C 11 -1.14 -5.28 27.16
N ASN C 12 -1.02 -5.26 28.49
CA ASN C 12 0.26 -4.90 29.10
C ASN C 12 1.36 -5.90 28.68
N VAL C 13 1.05 -7.20 28.77
CA VAL C 13 2.01 -8.23 28.39
C VAL C 13 2.34 -8.13 26.92
N ILE C 14 1.32 -7.95 26.06
CA ILE C 14 1.62 -7.91 24.64
C ILE C 14 2.39 -6.65 24.28
N LYS C 15 2.17 -5.54 25.02
CA LYS C 15 2.90 -4.32 24.73
C LYS C 15 4.35 -4.41 25.21
N GLU C 16 4.61 -5.20 26.25
CA GLU C 16 5.96 -5.24 26.80
C GLU C 16 6.93 -5.89 25.82
N VAL C 17 6.54 -7.01 25.23
CA VAL C 17 7.42 -7.77 24.36
C VAL C 17 6.79 -7.82 22.96
N SER C 18 6.06 -6.76 22.61
CA SER C 18 5.48 -6.65 21.28
C SER C 18 6.55 -6.83 20.21
N GLY C 19 6.30 -7.74 19.28
CA GLY C 19 7.25 -8.08 18.23
C GLY C 19 6.82 -7.54 16.88
N SER C 20 7.79 -7.00 16.15
CA SER C 20 7.59 -6.66 14.74
C SER C 20 7.63 -7.88 13.85
N ARG C 21 7.57 -9.08 14.43
CA ARG C 21 7.56 -10.31 13.65
C ARG C 21 6.28 -10.43 12.83
N GLY C 22 5.19 -9.85 13.30
CA GLY C 22 3.94 -9.90 12.58
C GLY C 22 2.84 -9.25 13.39
N ASP C 23 1.62 -9.31 12.85
CA ASP C 23 0.47 -8.77 13.55
C ASP C 23 0.09 -9.72 14.69
N LEU C 24 0.09 -9.20 15.91
CA LEU C 24 -0.11 -9.98 17.12
C LEU C 24 -1.52 -9.69 17.63
N ILE C 25 -2.41 -10.68 17.51
CA ILE C 25 -3.82 -10.52 17.86
C ILE C 25 -4.04 -10.76 19.36
N PRO C 26 -4.53 -9.76 20.09
CA PRO C 26 -4.91 -10.01 21.49
C PRO C 26 -6.21 -10.79 21.59
N VAL C 27 -6.24 -11.73 22.53
CA VAL C 27 -7.45 -12.54 22.74
C VAL C 27 -8.58 -11.66 23.24
N ASP C 28 -9.77 -11.87 22.69
CA ASP C 28 -10.90 -10.97 22.89
C ASP C 28 -11.69 -11.24 24.17
N SER C 29 -11.93 -12.50 24.52
CA SER C 29 -12.65 -12.85 25.73
C SER C 29 -11.83 -13.81 26.60
N LEU C 30 -11.89 -13.59 27.91
CA LEU C 30 -11.09 -14.40 28.84
C LEU C 30 -11.59 -15.83 28.92
N ARG C 31 -12.91 -16.04 28.84
CA ARG C 31 -13.44 -17.40 28.83
C ARG C 31 -13.25 -18.08 27.49
N ASN C 32 -13.21 -17.31 26.40
CA ASN C 32 -13.04 -17.85 25.06
C ASN C 32 -11.58 -18.10 24.71
N SER C 33 -10.65 -17.77 25.60
CA SER C 33 -9.23 -17.83 25.27
C SER C 33 -8.74 -19.26 25.06
N THR C 34 -9.41 -20.24 25.69
CA THR C 34 -9.05 -21.64 25.50
C THR C 34 -9.20 -22.11 24.06
N SER C 35 -9.95 -21.38 23.24
CA SER C 35 -10.20 -21.79 21.86
C SER C 35 -9.08 -21.42 20.90
N PHE C 36 -8.28 -20.40 21.20
CA PHE C 36 -7.22 -19.97 20.28
C PHE C 36 -5.90 -20.69 20.53
N ARG C 37 -5.94 -22.01 20.61
CA ARG C 37 -4.74 -22.82 20.76
C ARG C 37 -4.07 -23.03 19.40
N PRO C 38 -2.76 -23.33 19.39
CA PRO C 38 -2.12 -23.74 18.14
C PRO C 38 -2.84 -24.90 17.49
N TYR C 39 -2.91 -24.87 16.16
CA TYR C 39 -3.62 -25.80 15.29
C TYR C 39 -5.13 -25.62 15.32
N CYS C 40 -5.65 -24.73 16.16
CA CYS C 40 -7.08 -24.47 16.16
C CYS C 40 -7.44 -23.51 15.03
N LEU C 41 -8.71 -23.56 14.62
CA LEU C 41 -9.17 -22.94 13.39
C LEU C 41 -9.99 -21.69 13.66
N LEU C 42 -9.85 -20.70 12.78
CA LEU C 42 -10.65 -19.49 12.81
C LEU C 42 -11.19 -19.21 11.42
N ASN C 43 -12.44 -18.77 11.35
CA ASN C 43 -13.06 -18.37 10.09
C ASN C 43 -13.39 -16.90 10.12
N ARG C 44 -13.33 -16.27 8.94
CA ARG C 44 -13.69 -14.87 8.81
C ARG C 44 -14.43 -14.67 7.50
N LYS C 45 -15.51 -13.89 7.53
CA LYS C 45 -16.24 -13.60 6.31
C LYS C 45 -15.37 -12.78 5.36
N PHE C 46 -15.80 -12.72 4.10
CA PHE C 46 -15.01 -12.05 3.08
C PHE C 46 -14.78 -10.60 3.43
N SER C 47 -13.55 -10.13 3.20
CA SER C 47 -13.17 -8.74 3.44
C SER C 47 -13.18 -8.00 2.11
N SER C 48 -14.21 -7.18 1.91
CA SER C 48 -14.32 -6.40 0.69
C SER C 48 -13.44 -5.15 0.71
N SER C 49 -12.52 -5.04 1.66
CA SER C 49 -11.61 -3.90 1.74
C SER C 49 -10.24 -4.37 2.22
N ARG C 50 -9.24 -3.53 1.99
CA ARG C 50 -7.89 -3.78 2.48
C ARG C 50 -7.55 -2.97 3.73
N PHE C 51 -8.41 -2.03 4.13
CA PHE C 51 -8.15 -1.16 5.27
C PHE C 51 -8.81 -1.66 6.54
N TRP C 52 -9.66 -2.69 6.44
CA TRP C 52 -10.16 -3.38 7.61
C TRP C 52 -10.37 -4.83 7.22
N LYS C 53 -10.57 -5.66 8.24
CA LYS C 53 -10.95 -7.03 8.05
C LYS C 53 -11.91 -7.31 9.20
N PRO C 54 -12.99 -8.06 8.96
CA PRO C 54 -13.92 -8.35 10.05
C PRO C 54 -13.28 -9.25 11.09
N ARG C 55 -13.82 -9.19 12.30
CA ARG C 55 -13.24 -9.90 13.42
C ARG C 55 -13.30 -11.40 13.18
N TYR C 56 -12.34 -12.12 13.76
CA TYR C 56 -12.34 -13.57 13.64
C TYR C 56 -13.48 -14.16 14.45
N SER C 57 -14.24 -15.05 13.83
CA SER C 57 -15.23 -15.86 14.52
C SER C 57 -14.66 -17.25 14.71
N CYS C 58 -14.90 -17.84 15.87
CA CYS C 58 -14.23 -19.07 16.24
C CYS C 58 -14.96 -20.27 15.67
N VAL C 59 -14.19 -21.22 15.14
CA VAL C 59 -14.77 -22.44 14.58
C VAL C 59 -14.83 -23.58 15.60
N ASN C 60 -14.02 -23.52 16.66
CA ASN C 60 -14.01 -24.54 17.71
C ASN C 60 -13.67 -25.92 17.13
N LEU C 61 -12.66 -25.96 16.27
CA LEU C 61 -12.17 -27.20 15.69
C LEU C 61 -10.66 -27.16 15.55
N SER C 62 -10.04 -28.34 15.62
CA SER C 62 -8.61 -28.48 15.34
C SER C 62 -8.38 -28.45 13.83
N ILE C 63 -7.17 -28.76 13.41
CA ILE C 63 -6.86 -28.89 11.99
C ILE C 63 -6.67 -30.34 11.56
N LYS C 64 -6.36 -31.26 12.49
CA LYS C 64 -6.16 -32.67 12.18
C LYS C 64 -7.44 -33.37 11.75
N ASP C 65 -8.59 -32.69 11.78
CA ASP C 65 -9.88 -33.30 11.47
C ASP C 65 -10.41 -32.89 10.10
N ILE C 66 -9.58 -32.28 9.26
CA ILE C 66 -9.91 -32.01 7.87
C ILE C 66 -9.01 -32.77 6.91
N LEU C 67 -8.04 -33.52 7.41
CA LEU C 67 -7.11 -34.26 6.59
C LEU C 67 -7.38 -35.76 6.71
N GLU C 68 -6.55 -36.56 6.04
CA GLU C 68 -6.90 -37.97 5.88
C GLU C 68 -6.72 -38.76 7.17
N PRO C 69 -5.57 -38.76 7.85
CA PRO C 69 -5.49 -39.39 9.16
C PRO C 69 -5.79 -38.42 10.29
N SER C 70 -6.37 -38.97 11.36
CA SER C 70 -6.66 -38.22 12.57
C SER C 70 -5.61 -38.55 13.63
N ALA C 71 -4.85 -37.54 14.05
CA ALA C 71 -3.81 -37.73 15.04
C ALA C 71 -4.07 -36.87 16.27
N VAL C 84 -2.86 -33.26 17.50
CA VAL C 84 -2.25 -32.98 16.21
C VAL C 84 -0.91 -33.69 16.07
N SER C 85 0.17 -32.93 15.94
CA SER C 85 1.51 -33.50 15.92
C SER C 85 2.33 -33.10 17.13
N ASP C 86 2.59 -31.81 17.31
CA ASP C 86 3.31 -31.28 18.47
C ASP C 86 3.41 -29.77 18.34
N VAL C 87 3.67 -29.11 19.46
CA VAL C 87 3.97 -27.68 19.50
C VAL C 87 5.42 -27.52 19.96
N VAL C 88 6.11 -26.54 19.40
CA VAL C 88 7.54 -26.40 19.60
C VAL C 88 7.82 -25.04 20.25
N ASP C 89 9.11 -24.73 20.48
CA ASP C 89 9.56 -23.44 20.99
C ASP C 89 8.97 -23.17 22.38
N GLY C 90 9.39 -23.98 23.35
CA GLY C 90 9.18 -23.55 24.71
C GLY C 90 10.09 -22.37 24.97
N ASN C 91 9.52 -21.16 24.97
CA ASN C 91 10.28 -19.91 25.01
C ASN C 91 9.78 -19.07 26.18
N ILE C 92 10.38 -19.26 27.35
CA ILE C 92 10.01 -18.45 28.50
C ILE C 92 10.33 -17.00 28.21
N GLN C 93 9.30 -16.16 28.15
CA GLN C 93 9.48 -14.73 27.89
C GLN C 93 9.90 -13.96 29.14
N GLY C 94 10.37 -14.66 30.15
CA GLY C 94 10.72 -14.05 31.42
C GLY C 94 9.55 -13.38 32.10
N ARG C 95 9.87 -12.74 33.22
CA ARG C 95 8.85 -12.07 34.01
C ARG C 95 8.43 -10.77 33.35
N VAL C 96 7.16 -10.43 33.50
CA VAL C 96 6.59 -9.20 32.94
C VAL C 96 5.77 -8.53 34.03
N MET C 97 6.12 -7.28 34.35
CA MET C 97 5.41 -6.54 35.37
C MET C 97 4.31 -5.68 34.75
N ALA C 118 2.09 -9.18 39.61
CA ALA C 118 2.93 -8.24 38.87
C ALA C 118 4.29 -8.86 38.58
N SER C 119 4.41 -10.16 38.82
CA SER C 119 5.63 -10.93 38.55
C SER C 119 5.18 -12.27 37.97
N MET C 120 5.09 -12.34 36.64
CA MET C 120 4.60 -13.54 35.97
C MET C 120 5.44 -13.81 34.73
N ASN C 121 5.89 -15.05 34.60
CA ASN C 121 6.66 -15.50 33.45
C ASN C 121 5.74 -16.19 32.46
N VAL C 122 5.78 -15.73 31.21
CA VAL C 122 4.94 -16.29 30.15
C VAL C 122 5.84 -16.99 29.13
N CYS C 123 5.20 -17.69 28.19
CA CYS C 123 5.89 -18.53 27.23
C CYS C 123 5.19 -18.42 25.88
N ILE C 124 5.98 -18.24 24.82
CA ILE C 124 5.46 -18.19 23.46
C ILE C 124 5.71 -19.54 22.80
N LEU C 125 4.64 -20.14 22.28
CA LEU C 125 4.69 -21.47 21.67
C LEU C 125 4.41 -21.36 20.18
N ARG C 126 5.28 -21.97 19.37
CA ARG C 126 5.26 -21.83 17.93
C ARG C 126 5.02 -23.17 17.28
N VAL C 127 4.63 -23.15 16.01
CA VAL C 127 4.70 -24.32 15.14
C VAL C 127 5.40 -23.89 13.85
N THR C 128 6.44 -24.61 13.49
CA THR C 128 7.37 -24.18 12.45
C THR C 128 6.88 -24.56 11.05
N GLN C 129 7.36 -23.80 10.07
CA GLN C 129 7.03 -24.09 8.67
C GLN C 129 7.53 -25.47 8.27
N LYS C 130 8.60 -25.96 8.91
CA LYS C 130 9.08 -27.31 8.65
C LYS C 130 7.99 -28.33 8.91
N THR C 131 7.37 -28.26 10.10
CA THR C 131 6.30 -29.19 10.44
C THR C 131 5.09 -29.01 9.53
N TRP C 132 4.81 -27.76 9.14
CA TRP C 132 3.69 -27.51 8.24
C TRP C 132 3.91 -28.18 6.89
N GLU C 133 5.10 -28.03 6.32
CA GLU C 133 5.39 -28.62 5.02
C GLU C 133 5.40 -30.15 5.11
N THR C 134 5.97 -30.69 6.19
CA THR C 134 6.01 -32.15 6.33
C THR C 134 4.59 -32.72 6.51
N MET C 135 3.75 -32.01 7.26
CA MET C 135 2.37 -32.44 7.44
C MET C 135 1.55 -32.25 6.17
N GLN C 136 1.90 -31.25 5.36
CA GLN C 136 1.19 -31.02 4.11
C GLN C 136 1.52 -32.09 3.07
N HIS C 137 2.79 -32.51 3.02
CA HIS C 137 3.17 -33.60 2.13
C HIS C 137 2.82 -34.96 2.71
N GLU C 138 2.61 -35.04 4.03
CA GLU C 138 2.33 -36.31 4.70
C GLU C 138 0.85 -36.69 4.58
N ARG C 139 -0.03 -35.87 5.14
CA ARG C 139 -1.46 -36.09 5.08
C ARG C 139 -2.08 -35.17 4.03
N HIS C 140 -2.91 -35.72 3.17
CA HIS C 140 -3.51 -34.96 2.09
C HIS C 140 -4.92 -34.52 2.49
N LEU C 141 -5.63 -33.90 1.55
CA LEU C 141 -6.96 -33.39 1.81
C LEU C 141 -7.96 -34.52 2.00
N GLN C 142 -8.86 -34.35 2.96
CA GLN C 142 -10.01 -35.24 3.13
C GLN C 142 -11.03 -34.87 2.06
N GLN C 143 -11.01 -35.62 0.95
CA GLN C 143 -11.82 -35.25 -0.21
C GLN C 143 -13.32 -35.19 0.08
N PRO C 144 -13.95 -36.22 0.69
CA PRO C 144 -15.39 -36.07 1.00
C PRO C 144 -15.66 -35.31 2.28
N GLU C 145 -15.30 -34.03 2.29
CA GLU C 145 -15.53 -33.15 3.43
C GLU C 145 -16.64 -32.17 3.02
N ASN C 146 -17.84 -32.40 3.56
CA ASN C 146 -19.00 -31.58 3.25
C ASN C 146 -19.63 -30.95 4.49
N LYS C 147 -19.05 -31.14 5.67
CA LYS C 147 -19.72 -30.77 6.90
C LYS C 147 -19.74 -29.25 7.09
N ILE C 148 -18.56 -28.66 7.27
CA ILE C 148 -18.42 -27.22 7.48
C ILE C 148 -17.60 -26.56 6.38
N LEU C 149 -16.54 -27.23 5.93
CA LEU C 149 -15.75 -26.73 4.81
C LEU C 149 -16.64 -26.40 3.61
N GLN C 150 -17.52 -27.33 3.25
CA GLN C 150 -18.50 -27.04 2.21
C GLN C 150 -19.45 -25.94 2.64
N GLN C 151 -19.82 -25.94 3.93
CA GLN C 151 -20.68 -24.88 4.45
C GLN C 151 -19.96 -23.54 4.52
N LEU C 152 -18.63 -23.53 4.55
CA LEU C 152 -17.90 -22.28 4.60
C LEU C 152 -17.57 -21.74 3.21
N ARG C 153 -17.25 -22.61 2.25
CA ARG C 153 -17.12 -22.13 0.88
C ARG C 153 -18.46 -21.72 0.31
N SER C 154 -19.55 -22.25 0.86
CA SER C 154 -20.88 -21.76 0.50
C SER C 154 -21.13 -20.37 1.06
N ARG C 155 -20.31 -19.92 2.01
CA ARG C 155 -20.41 -18.59 2.59
C ARG C 155 -19.32 -17.66 2.08
N GLY C 156 -18.37 -18.16 1.29
CA GLY C 156 -17.24 -17.36 0.86
C GLY C 156 -16.30 -16.93 1.96
N ASP C 157 -16.28 -17.65 3.08
CA ASP C 157 -15.41 -17.29 4.19
C ASP C 157 -13.99 -17.76 3.95
N ASP C 158 -13.04 -17.01 4.51
CA ASP C 158 -11.63 -17.36 4.53
C ASP C 158 -11.30 -18.05 5.85
N LEU C 159 -10.25 -18.86 5.83
CA LEU C 159 -9.91 -19.74 6.94
C LEU C 159 -8.45 -19.57 7.34
N PHE C 160 -8.21 -19.48 8.65
CA PHE C 160 -6.88 -19.29 9.20
C PHE C 160 -6.65 -20.31 10.32
N VAL C 161 -5.39 -20.61 10.57
CA VAL C 161 -4.98 -21.52 11.64
C VAL C 161 -4.02 -20.78 12.56
N VAL C 162 -4.18 -20.99 13.86
CA VAL C 162 -3.27 -20.41 14.84
C VAL C 162 -1.91 -21.09 14.69
N THR C 163 -0.91 -20.34 14.21
CA THR C 163 0.41 -20.87 13.96
C THR C 163 1.44 -20.43 15.00
N GLU C 164 1.09 -19.47 15.86
CA GLU C 164 1.92 -19.14 17.01
C GLU C 164 1.00 -18.57 18.08
N VAL C 165 1.43 -18.69 19.34
CA VAL C 165 0.58 -18.33 20.46
C VAL C 165 1.46 -17.85 21.60
N LEU C 166 0.87 -17.09 22.52
CA LEU C 166 1.55 -16.60 23.70
C LEU C 166 0.68 -16.98 24.89
N GLN C 167 1.09 -18.01 25.63
CA GLN C 167 0.35 -18.50 26.78
C GLN C 167 1.26 -18.42 27.99
N THR C 168 0.82 -19.00 29.11
CA THR C 168 1.52 -18.85 30.37
C THR C 168 1.95 -20.22 30.91
N LYS C 169 2.69 -20.18 32.00
CA LYS C 169 3.16 -21.35 32.71
C LYS C 169 2.69 -21.39 34.15
N GLU C 170 2.49 -20.24 34.77
CA GLU C 170 2.10 -20.14 36.17
C GLU C 170 0.61 -19.82 36.26
N GLU C 171 0.00 -20.30 37.34
CA GLU C 171 -1.40 -19.99 37.63
C GLU C 171 -1.39 -18.91 38.70
N VAL C 172 -1.85 -17.71 38.34
CA VAL C 172 -1.70 -16.51 39.15
C VAL C 172 -3.07 -15.92 39.44
N GLN C 173 -3.08 -14.94 40.34
CA GLN C 173 -4.29 -14.26 40.77
C GLN C 173 -4.01 -12.77 40.72
N ILE C 174 -4.98 -11.98 40.24
CA ILE C 174 -4.82 -10.55 40.11
C ILE C 174 -5.80 -9.85 41.05
N THR C 175 -5.33 -8.75 41.66
CA THR C 175 -6.15 -7.95 42.55
C THR C 175 -5.93 -6.46 42.32
N MET C 207 -12.71 -10.40 41.12
CA MET C 207 -11.65 -11.37 41.31
C MET C 207 -11.33 -12.11 40.01
N VAL C 208 -10.05 -12.20 39.69
CA VAL C 208 -9.61 -12.85 38.45
C VAL C 208 -8.42 -13.76 38.75
N THR C 209 -8.49 -14.99 38.26
CA THR C 209 -7.43 -15.98 38.38
C THR C 209 -7.16 -16.55 37.00
N ILE C 210 -5.88 -16.74 36.68
CA ILE C 210 -5.44 -17.13 35.35
C ILE C 210 -4.67 -18.45 35.47
N PRO C 211 -5.09 -19.50 34.77
CA PRO C 211 -4.47 -20.82 34.96
C PRO C 211 -3.24 -20.99 34.09
N ALA C 212 -2.55 -22.11 34.24
CA ALA C 212 -1.40 -22.41 33.41
C ALA C 212 -1.87 -22.92 32.07
N GLY C 213 -1.15 -22.53 31.01
CA GLY C 213 -1.55 -22.88 29.67
C GLY C 213 -2.57 -21.95 29.06
N SER C 214 -3.13 -21.03 29.85
CA SER C 214 -4.13 -20.11 29.32
C SER C 214 -3.49 -19.16 28.33
N ILE C 215 -4.23 -18.84 27.27
CA ILE C 215 -3.72 -18.08 26.14
C ILE C 215 -4.12 -16.62 26.27
N LEU C 216 -3.15 -15.72 26.04
CA LEU C 216 -3.39 -14.29 26.10
C LEU C 216 -3.31 -13.61 24.74
N ALA C 217 -2.67 -14.24 23.76
CA ALA C 217 -2.53 -13.66 22.44
C ALA C 217 -2.18 -14.78 21.47
N PHE C 218 -2.27 -14.49 20.17
CA PHE C 218 -2.04 -15.52 19.17
C PHE C 218 -1.70 -14.89 17.83
N ARG C 219 -1.14 -15.71 16.95
CA ARG C 219 -0.77 -15.33 15.58
C ARG C 219 -1.35 -16.37 14.64
N VAL C 220 -1.96 -15.91 13.56
CA VAL C 220 -2.67 -16.80 12.63
C VAL C 220 -1.94 -16.84 11.30
N ALA C 221 -2.37 -17.78 10.45
CA ALA C 221 -1.87 -17.92 9.10
C ALA C 221 -2.99 -18.51 8.25
N GLN C 222 -3.30 -17.84 7.14
CA GLN C 222 -4.39 -18.30 6.30
C GLN C 222 -4.03 -19.63 5.64
N LEU C 223 -5.06 -20.33 5.18
CA LEU C 223 -4.84 -21.50 4.33
C LEU C 223 -5.91 -21.54 3.25
N LEU C 224 -5.54 -22.15 2.12
CA LEU C 224 -6.47 -22.26 1.00
C LEU C 224 -6.61 -23.73 0.61
N ILE C 225 -7.79 -24.05 0.06
CA ILE C 225 -8.26 -25.40 -0.19
C ILE C 225 -8.62 -25.51 -1.67
N GLY C 226 -9.14 -26.68 -2.06
CA GLY C 226 -9.50 -26.98 -3.44
C GLY C 226 -9.16 -28.43 -3.77
N SER C 227 -8.48 -28.65 -4.89
CA SER C 227 -7.84 -29.94 -5.12
C SER C 227 -6.60 -30.10 -4.27
N LYS C 228 -6.08 -29.00 -3.74
CA LYS C 228 -4.90 -28.98 -2.87
C LYS C 228 -5.17 -28.07 -1.69
N TRP C 229 -4.47 -28.34 -0.58
CA TRP C 229 -4.58 -27.52 0.62
C TRP C 229 -3.18 -27.05 1.00
N ASP C 230 -3.05 -25.76 1.34
CA ASP C 230 -1.74 -25.25 1.72
C ASP C 230 -1.91 -24.01 2.59
N ILE C 231 -0.78 -23.56 3.14
CA ILE C 231 -0.72 -22.53 4.16
C ILE C 231 -0.03 -21.31 3.56
N LEU C 232 -0.38 -20.13 4.07
CA LEU C 232 0.28 -18.87 3.74
C LEU C 232 0.87 -18.30 5.01
N LEU C 233 2.18 -18.49 5.19
CA LEU C 233 2.88 -17.88 6.32
C LEU C 233 3.15 -16.39 6.08
N VAL C 234 3.41 -16.01 4.82
CA VAL C 234 3.49 -14.61 4.45
C VAL C 234 2.07 -14.08 4.31
N SER C 235 1.68 -13.17 5.20
CA SER C 235 0.29 -12.75 5.34
C SER C 235 -0.10 -11.91 4.12
N ASP C 236 -0.45 -12.59 3.04
CA ASP C 236 -0.93 -11.95 1.83
C ASP C 236 -2.39 -11.56 2.02
N GLU C 237 -2.68 -10.26 1.88
CA GLU C 237 -4.01 -9.73 2.17
C GLU C 237 -5.03 -9.96 1.07
N LYS C 238 -4.62 -10.52 -0.07
CA LYS C 238 -5.48 -10.63 -1.25
C LYS C 238 -6.19 -11.97 -1.38
N GLN C 239 -5.51 -13.08 -1.09
CA GLN C 239 -6.01 -14.39 -1.51
C GLN C 239 -7.19 -14.87 -0.69
N ARG C 240 -8.18 -15.41 -1.40
CA ARG C 240 -9.33 -16.07 -0.83
C ARG C 240 -9.01 -17.55 -0.59
N THR C 241 -9.81 -18.19 0.25
CA THR C 241 -9.59 -19.58 0.61
C THR C 241 -10.21 -20.57 -0.38
N PHE C 242 -11.30 -20.18 -1.03
CA PHE C 242 -12.03 -21.08 -1.93
C PHE C 242 -12.22 -20.42 -3.29
N GLU C 243 -12.25 -21.26 -4.32
CA GLU C 243 -12.34 -20.79 -5.70
C GLU C 243 -13.79 -20.41 -5.99
N PRO C 244 -14.08 -19.11 -6.10
CA PRO C 244 -15.48 -18.66 -6.15
C PRO C 244 -16.12 -18.83 -7.52
N SER C 245 -17.31 -18.27 -7.69
CA SER C 245 -18.07 -18.41 -8.93
C SER C 245 -17.38 -17.57 -10.00
N SER C 246 -16.36 -18.17 -10.61
CA SER C 246 -15.60 -17.52 -11.69
C SER C 246 -16.44 -17.59 -12.96
N GLY C 247 -17.44 -16.72 -13.02
CA GLY C 247 -18.34 -16.68 -14.16
C GLY C 247 -17.76 -15.88 -15.31
N ASP C 248 -18.54 -14.95 -15.86
CA ASP C 248 -18.05 -14.10 -16.93
C ASP C 248 -16.89 -13.24 -16.43
N SER C 249 -15.67 -13.59 -16.83
CA SER C 249 -14.50 -12.83 -16.40
C SER C 249 -14.31 -11.60 -17.29
N LEU C 250 -15.37 -10.82 -17.45
CA LEU C 250 -15.30 -9.66 -18.33
C LEU C 250 -14.50 -8.53 -17.69
N LEU C 251 -13.94 -7.68 -18.54
CA LEU C 251 -13.15 -6.55 -18.09
C LEU C 251 -13.62 -5.31 -18.85
N SER C 252 -13.86 -4.23 -18.11
CA SER C 252 -14.34 -3.01 -18.73
C SER C 252 -13.29 -2.42 -19.66
N ASP C 253 -13.75 -1.66 -20.64
CA ASP C 253 -12.87 -0.91 -21.53
C ASP C 253 -12.64 0.50 -21.03
N GLY C 254 -12.81 0.73 -19.72
CA GLY C 254 -12.64 2.05 -19.14
C GLY C 254 -11.41 2.16 -18.28
N ILE C 255 -11.59 2.48 -16.99
CA ILE C 255 -10.46 2.72 -16.09
C ILE C 255 -10.57 1.86 -14.83
N ASP C 256 -11.69 1.98 -14.11
CA ASP C 256 -11.99 1.26 -12.85
C ASP C 256 -10.84 1.28 -11.83
N GLU C 257 -9.95 2.28 -11.95
CA GLU C 257 -8.99 2.72 -10.93
C GLU C 257 -7.85 1.73 -10.68
N GLU C 258 -8.04 0.46 -11.05
CA GLU C 258 -7.03 -0.58 -10.88
C GLU C 258 -7.54 -1.88 -11.47
N GLU C 259 -6.66 -2.66 -12.08
CA GLU C 259 -7.10 -3.86 -12.78
C GLU C 259 -5.99 -4.90 -12.88
N ALA C 264 -1.73 1.28 -3.05
CA ALA C 264 -1.73 2.67 -2.61
C ALA C 264 -2.21 2.78 -1.16
N ASP C 265 -2.12 3.97 -0.57
CA ASP C 265 -2.52 4.17 0.82
C ASP C 265 -3.36 5.43 0.95
N PHE C 266 -4.53 5.27 1.59
CA PHE C 266 -5.58 6.25 1.85
C PHE C 266 -6.26 6.70 0.56
N GLN C 267 -5.55 6.61 -0.57
CA GLN C 267 -6.20 6.85 -1.85
C GLN C 267 -7.05 5.66 -2.22
N GLY C 268 -6.54 4.46 -1.90
CA GLY C 268 -7.32 3.26 -2.07
C GLY C 268 -8.60 3.28 -1.25
N LEU C 269 -8.56 3.86 -0.05
CA LEU C 269 -9.77 3.89 0.77
C LEU C 269 -10.84 4.79 0.17
N TYR C 270 -10.48 6.03 -0.19
CA TYR C 270 -11.44 6.91 -0.84
C TYR C 270 -11.93 6.31 -2.14
N ALA C 271 -11.03 5.69 -2.91
CA ALA C 271 -11.41 5.06 -4.17
C ALA C 271 -12.36 3.90 -3.93
N GLU C 272 -12.07 3.07 -2.93
CA GLU C 272 -12.96 2.00 -2.51
C GLU C 272 -14.36 2.53 -2.27
N VAL C 273 -14.48 3.53 -1.38
CA VAL C 273 -15.80 3.99 -1.00
C VAL C 273 -16.51 4.72 -2.15
N LYS C 274 -15.76 5.48 -2.95
CA LYS C 274 -16.35 6.18 -4.08
C LYS C 274 -16.84 5.21 -5.14
N ALA C 275 -15.99 4.26 -5.56
CA ALA C 275 -16.41 3.23 -6.50
C ALA C 275 -17.60 2.44 -5.97
N CYS C 276 -17.59 2.15 -4.67
CA CYS C 276 -18.67 1.38 -4.07
C CYS C 276 -19.98 2.16 -4.14
N SER C 277 -19.93 3.45 -3.81
CA SER C 277 -21.14 4.27 -3.86
C SER C 277 -21.56 4.56 -5.29
N SER C 278 -20.62 4.52 -6.23
CA SER C 278 -20.92 4.85 -7.62
C SER C 278 -21.62 3.69 -8.29
N GLU C 279 -21.21 2.45 -7.96
CA GLU C 279 -21.80 1.29 -8.59
C GLU C 279 -23.17 0.94 -8.02
N LEU C 280 -23.78 1.88 -7.28
CA LEU C 280 -25.19 1.77 -6.89
C LEU C 280 -25.90 3.09 -7.15
N GLU C 281 -25.40 3.85 -8.12
CA GLU C 281 -26.08 5.04 -8.63
C GLU C 281 -27.15 4.66 -9.63
N SER C 282 -27.15 3.42 -10.11
CA SER C 282 -28.10 2.90 -11.08
C SER C 282 -29.33 2.33 -10.41
N LEU C 283 -29.60 2.76 -9.18
CA LEU C 283 -30.76 2.38 -8.39
C LEU C 283 -31.73 3.56 -8.38
N GLU C 284 -32.98 3.29 -8.76
CA GLU C 284 -33.99 4.33 -8.73
C GLU C 284 -34.06 4.92 -7.33
N MET C 285 -34.25 6.24 -7.27
CA MET C 285 -34.27 7.01 -6.03
C MET C 285 -35.07 6.33 -4.92
N GLU C 286 -36.09 5.57 -5.29
CA GLU C 286 -36.95 4.99 -4.26
C GLU C 286 -36.43 3.63 -3.82
N LEU C 287 -35.79 2.89 -4.71
CA LEU C 287 -35.08 1.68 -4.28
C LEU C 287 -33.94 2.06 -3.34
N ARG C 288 -33.20 3.12 -3.70
CA ARG C 288 -32.13 3.64 -2.87
C ARG C 288 -32.64 4.04 -1.49
N GLN C 289 -33.73 4.81 -1.45
CA GLN C 289 -34.24 5.27 -0.16
C GLN C 289 -34.86 4.14 0.65
N GLN C 290 -35.44 3.13 -0.02
CA GLN C 290 -35.89 1.94 0.67
C GLN C 290 -34.72 1.22 1.32
N ILE C 291 -33.62 1.05 0.58
CA ILE C 291 -32.40 0.48 1.15
C ILE C 291 -31.97 1.26 2.38
N LEU C 292 -31.89 2.58 2.26
CA LEU C 292 -31.36 3.41 3.35
C LEU C 292 -32.22 3.31 4.60
N VAL C 293 -33.53 3.51 4.46
CA VAL C 293 -34.42 3.55 5.62
C VAL C 293 -34.47 2.19 6.29
N ASN C 294 -34.50 1.11 5.50
CA ASN C 294 -34.52 -0.22 6.08
C ASN C 294 -33.16 -0.64 6.62
N ILE C 295 -32.07 0.01 6.19
CA ILE C 295 -30.78 -0.21 6.82
C ILE C 295 -30.80 0.28 8.27
N GLY C 296 -31.32 1.49 8.48
CA GLY C 296 -31.45 2.01 9.84
C GLY C 296 -32.35 1.19 10.74
N LYS C 297 -33.27 0.43 10.15
CA LYS C 297 -34.11 -0.47 10.94
C LYS C 297 -33.33 -1.70 11.40
N ILE C 298 -32.62 -2.37 10.47
CA ILE C 298 -31.83 -3.55 10.80
C ILE C 298 -30.50 -3.21 11.45
N LEU C 299 -30.21 -1.93 11.65
CA LEU C 299 -29.01 -1.55 12.39
C LEU C 299 -29.12 -1.96 13.86
N GLN C 300 -30.32 -1.98 14.41
CA GLN C 300 -30.54 -2.44 15.78
C GLN C 300 -30.57 -3.95 15.90
N ASP C 301 -30.53 -4.69 14.79
CA ASP C 301 -30.56 -6.15 14.79
C ASP C 301 -29.24 -6.68 14.22
N GLN C 302 -28.24 -6.83 15.10
CA GLN C 302 -26.96 -7.34 14.65
C GLN C 302 -27.03 -8.74 14.05
N PRO C 303 -27.80 -9.69 14.59
CA PRO C 303 -27.93 -10.98 13.89
C PRO C 303 -28.58 -10.85 12.53
N SER C 304 -29.47 -9.87 12.34
CA SER C 304 -30.01 -9.61 11.02
C SER C 304 -28.92 -9.09 10.08
N MET C 305 -28.06 -8.20 10.57
CA MET C 305 -26.90 -7.77 9.78
C MET C 305 -26.06 -8.96 9.36
N GLU C 306 -25.77 -9.87 10.30
CA GLU C 306 -24.92 -11.01 9.97
C GLU C 306 -25.60 -11.96 8.99
N ALA C 307 -26.90 -12.22 9.16
CA ALA C 307 -27.61 -13.09 8.24
C ALA C 307 -27.72 -12.46 6.85
N LEU C 308 -27.89 -11.13 6.80
CA LEU C 308 -27.88 -10.45 5.51
C LEU C 308 -26.52 -10.57 4.84
N GLU C 309 -25.44 -10.32 5.59
CA GLU C 309 -24.10 -10.51 5.06
C GLU C 309 -23.90 -11.93 4.55
N ALA C 310 -24.46 -12.92 5.27
CA ALA C 310 -24.32 -14.31 4.83
C ALA C 310 -25.07 -14.58 3.54
N SER C 311 -26.30 -14.08 3.44
CA SER C 311 -27.07 -14.24 2.20
C SER C 311 -26.36 -13.55 1.03
N LEU C 312 -25.83 -12.36 1.26
CA LEU C 312 -25.13 -11.64 0.20
C LEU C 312 -23.86 -12.36 -0.21
N GLY C 313 -23.08 -12.86 0.76
CA GLY C 313 -21.90 -13.64 0.43
C GLY C 313 -22.23 -14.92 -0.30
N GLN C 314 -23.37 -15.54 0.03
CA GLN C 314 -23.82 -16.72 -0.70
C GLN C 314 -24.13 -16.37 -2.16
N GLY C 315 -24.89 -15.30 -2.38
CA GLY C 315 -25.20 -14.90 -3.73
C GLY C 315 -24.02 -14.33 -4.50
N LEU C 316 -22.99 -13.87 -3.80
CA LEU C 316 -21.84 -13.23 -4.43
C LEU C 316 -20.74 -14.24 -4.76
N CYS C 317 -20.19 -14.90 -3.73
CA CYS C 317 -19.10 -15.85 -3.93
C CYS C 317 -19.56 -17.14 -4.56
N SER C 318 -20.86 -17.43 -4.53
CA SER C 318 -21.38 -18.72 -4.97
C SER C 318 -22.51 -18.53 -5.97
N GLY C 319 -23.24 -17.43 -5.84
CA GLY C 319 -24.38 -17.18 -6.70
C GLY C 319 -25.59 -17.99 -6.28
N GLY C 320 -26.38 -18.39 -7.29
CA GLY C 320 -27.54 -19.21 -7.04
C GLY C 320 -28.70 -18.42 -6.46
N GLN C 321 -29.77 -19.15 -6.16
CA GLN C 321 -30.96 -18.54 -5.59
C GLN C 321 -30.70 -18.09 -4.16
N VAL C 322 -31.18 -16.90 -3.82
CA VAL C 322 -31.09 -16.37 -2.47
C VAL C 322 -32.49 -16.40 -1.87
N GLU C 323 -32.61 -16.99 -0.69
CA GLU C 323 -33.90 -17.15 -0.06
C GLU C 323 -34.33 -15.84 0.58
N PRO C 324 -35.64 -15.55 0.58
CA PRO C 324 -36.10 -14.28 1.14
C PRO C 324 -35.84 -14.20 2.64
N LEU C 325 -35.92 -12.97 3.13
CA LEU C 325 -35.78 -12.68 4.55
C LEU C 325 -36.98 -11.86 4.99
N ASP C 326 -37.26 -11.90 6.29
CA ASP C 326 -38.37 -11.12 6.82
C ASP C 326 -37.90 -9.74 7.26
N GLY C 327 -38.87 -8.87 7.53
CA GLY C 327 -38.59 -7.55 8.04
C GLY C 327 -37.79 -6.66 7.12
N PRO C 328 -37.16 -5.63 7.70
CA PRO C 328 -36.39 -4.68 6.89
C PRO C 328 -35.20 -5.31 6.19
N ALA C 329 -34.63 -6.37 6.73
CA ALA C 329 -33.57 -7.09 6.01
C ALA C 329 -34.06 -7.53 4.64
N GLY C 330 -35.24 -8.17 4.59
CA GLY C 330 -35.79 -8.55 3.31
C GLY C 330 -36.29 -7.36 2.51
N CYS C 331 -36.71 -6.29 3.19
CA CYS C 331 -37.08 -5.08 2.46
C CYS C 331 -35.89 -4.44 1.76
N ILE C 332 -34.69 -4.63 2.30
CA ILE C 332 -33.47 -4.24 1.58
C ILE C 332 -33.18 -5.23 0.47
N LEU C 333 -33.25 -6.52 0.80
CA LEU C 333 -32.91 -7.59 -0.14
C LEU C 333 -33.77 -7.51 -1.40
N GLU C 334 -34.99 -6.99 -1.27
CA GLU C 334 -35.86 -6.78 -2.44
C GLU C 334 -35.24 -5.84 -3.47
N CYS C 335 -34.21 -5.09 -3.10
CA CYS C 335 -33.55 -4.17 -4.03
C CYS C 335 -32.34 -4.81 -4.70
N LEU C 336 -32.10 -6.09 -4.45
CA LEU C 336 -30.96 -6.82 -4.98
C LEU C 336 -31.34 -8.01 -5.84
N VAL C 337 -32.45 -8.70 -5.53
CA VAL C 337 -32.88 -9.88 -6.26
C VAL C 337 -33.79 -9.47 -7.40
N LEU C 338 -33.70 -10.24 -8.50
CA LEU C 338 -34.56 -10.05 -9.65
C LEU C 338 -35.89 -10.76 -9.42
N ASP C 339 -36.70 -10.87 -10.47
CA ASP C 339 -37.97 -11.58 -10.37
C ASP C 339 -37.76 -13.08 -10.35
N SER C 340 -36.61 -13.56 -10.84
CA SER C 340 -36.30 -14.98 -10.80
C SER C 340 -35.97 -15.42 -9.38
N GLY C 341 -35.00 -14.78 -8.76
CA GLY C 341 -34.59 -15.12 -7.41
C GLY C 341 -33.09 -15.03 -7.23
N GLU C 342 -32.40 -14.51 -8.24
CA GLU C 342 -30.95 -14.45 -8.27
C GLU C 342 -30.47 -13.07 -7.82
N LEU C 343 -29.20 -13.01 -7.45
CA LEU C 343 -28.58 -11.83 -6.86
C LEU C 343 -27.84 -11.01 -7.92
N VAL C 344 -28.13 -9.71 -7.96
CA VAL C 344 -27.46 -8.79 -8.86
C VAL C 344 -26.09 -8.45 -8.26
N PRO C 345 -24.99 -9.00 -8.80
CA PRO C 345 -23.70 -8.80 -8.13
C PRO C 345 -23.27 -7.35 -8.05
N GLU C 346 -23.46 -6.59 -9.14
CA GLU C 346 -23.01 -5.21 -9.21
C GLU C 346 -23.83 -4.28 -8.34
N LEU C 347 -24.77 -4.80 -7.56
CA LEU C 347 -25.59 -4.00 -6.69
C LEU C 347 -25.60 -4.59 -5.28
N ALA C 348 -25.41 -5.90 -5.19
CA ALA C 348 -25.30 -6.57 -3.90
C ALA C 348 -23.91 -6.45 -3.29
N ALA C 349 -22.86 -6.40 -4.12
CA ALA C 349 -21.52 -6.26 -3.58
C ALA C 349 -21.30 -4.96 -2.80
N PRO C 350 -21.78 -3.80 -3.23
CA PRO C 350 -21.64 -2.61 -2.36
C PRO C 350 -22.41 -2.71 -1.06
N ILE C 351 -23.61 -3.29 -1.09
CA ILE C 351 -24.39 -3.44 0.14
C ILE C 351 -23.67 -4.37 1.11
N PHE C 352 -23.10 -5.48 0.60
CA PHE C 352 -22.30 -6.35 1.45
C PHE C 352 -21.07 -5.63 2.00
N TYR C 353 -20.40 -4.85 1.16
CA TYR C 353 -19.26 -4.05 1.61
C TYR C 353 -19.66 -3.16 2.78
N LEU C 354 -20.79 -2.47 2.67
CA LEU C 354 -21.21 -1.56 3.73
C LEU C 354 -21.63 -2.31 4.99
N LEU C 355 -22.35 -3.42 4.83
CA LEU C 355 -22.76 -4.21 5.99
C LEU C 355 -21.55 -4.75 6.73
N GLY C 356 -20.52 -5.19 6.00
CA GLY C 356 -19.28 -5.59 6.65
C GLY C 356 -18.54 -4.41 7.27
N ALA C 357 -18.62 -3.24 6.64
CA ALA C 357 -18.03 -2.04 7.23
C ALA C 357 -18.64 -1.72 8.58
N LEU C 358 -19.95 -1.95 8.72
CA LEU C 358 -20.58 -1.71 10.00
C LEU C 358 -20.37 -2.88 10.96
N ALA C 359 -20.14 -4.08 10.45
CA ALA C 359 -19.93 -5.24 11.30
C ALA C 359 -18.74 -5.05 12.23
N VAL C 360 -17.75 -4.25 11.83
CA VAL C 360 -16.58 -4.00 12.67
C VAL C 360 -16.77 -2.78 13.56
N LEU C 361 -17.84 -2.00 13.37
CA LEU C 361 -18.08 -0.84 14.21
C LEU C 361 -18.48 -1.29 15.61
N SER C 362 -18.34 -0.38 16.56
CA SER C 362 -18.79 -0.66 17.92
C SER C 362 -20.27 -0.38 18.06
N GLU C 363 -20.86 -0.99 19.11
CA GLU C 363 -22.30 -0.93 19.33
C GLU C 363 -22.78 0.52 19.48
N THR C 364 -22.21 1.24 20.45
CA THR C 364 -22.59 2.65 20.65
C THR C 364 -22.40 3.49 19.39
N GLN C 365 -21.30 3.27 18.66
CA GLN C 365 -21.08 4.04 17.43
C GLN C 365 -22.22 3.85 16.45
N GLN C 366 -22.59 2.60 16.17
CA GLN C 366 -23.61 2.40 15.16
C GLN C 366 -25.00 2.76 15.67
N GLN C 367 -25.23 2.68 16.97
CA GLN C 367 -26.50 3.17 17.51
C GLN C 367 -26.64 4.67 17.29
N LEU C 368 -25.61 5.44 17.66
CA LEU C 368 -25.67 6.88 17.42
C LEU C 368 -25.70 7.20 15.93
N LEU C 369 -25.02 6.39 15.11
CA LEU C 369 -25.04 6.61 13.67
C LEU C 369 -26.44 6.41 13.11
N ALA C 370 -27.15 5.37 13.58
CA ALA C 370 -28.54 5.16 13.18
C ALA C 370 -29.42 6.32 13.65
N LYS C 371 -29.25 6.75 14.91
CA LYS C 371 -30.01 7.88 15.40
C LYS C 371 -29.61 9.20 14.75
N ALA C 372 -28.58 9.21 13.90
CA ALA C 372 -28.22 10.42 13.16
C ALA C 372 -28.71 10.41 11.71
N LEU C 373 -29.34 9.31 11.25
CA LEU C 373 -29.71 9.21 9.83
C LEU C 373 -30.76 10.24 9.45
N GLU C 374 -31.83 10.38 10.25
CA GLU C 374 -32.96 11.20 9.83
C GLU C 374 -32.63 12.68 9.69
N THR C 375 -31.41 13.09 10.05
CA THR C 375 -30.96 14.46 9.90
C THR C 375 -29.90 14.51 8.81
N THR C 376 -29.68 15.70 8.29
CA THR C 376 -28.56 15.80 7.36
C THR C 376 -27.23 15.73 8.07
N VAL C 377 -27.18 15.49 9.37
CA VAL C 377 -25.92 15.57 10.12
C VAL C 377 -25.28 14.19 10.02
N LEU C 378 -24.70 13.92 8.86
CA LEU C 378 -23.69 12.93 8.50
C LEU C 378 -22.56 13.59 7.74
N SER C 379 -22.88 14.55 6.85
CA SER C 379 -21.87 15.33 6.15
C SER C 379 -20.93 16.00 7.14
N LYS C 380 -21.49 16.53 8.23
CA LYS C 380 -20.67 17.05 9.32
C LYS C 380 -19.75 15.95 9.85
N GLN C 381 -20.35 14.82 10.24
CA GLN C 381 -19.57 13.69 10.77
C GLN C 381 -18.61 13.17 9.72
N LEU C 382 -19.07 13.03 8.47
CA LEU C 382 -18.22 12.47 7.43
C LEU C 382 -17.02 13.36 7.16
N GLU C 383 -17.24 14.67 7.08
CA GLU C 383 -16.13 15.61 6.86
C GLU C 383 -15.18 15.63 8.04
N LEU C 384 -15.71 15.51 9.26
CA LEU C 384 -14.83 15.49 10.44
C LEU C 384 -13.96 14.24 10.46
N VAL C 385 -14.56 13.07 10.23
CA VAL C 385 -13.77 11.84 10.18
C VAL C 385 -12.81 11.87 9.00
N LYS C 386 -13.19 12.54 7.91
CA LYS C 386 -12.29 12.73 6.79
C LYS C 386 -11.08 13.55 7.19
N HIS C 387 -11.30 14.62 7.96
CA HIS C 387 -10.18 15.40 8.50
C HIS C 387 -9.31 14.55 9.42
N VAL C 388 -9.94 13.73 10.26
CA VAL C 388 -9.19 12.88 11.18
C VAL C 388 -8.24 11.95 10.42
N LEU C 389 -8.80 11.16 9.50
CA LEU C 389 -7.99 10.24 8.72
C LEU C 389 -7.10 10.95 7.70
N GLU C 390 -7.38 12.23 7.41
CA GLU C 390 -6.54 13.02 6.53
C GLU C 390 -5.27 13.48 7.22
N GLN C 391 -5.38 13.85 8.49
CA GLN C 391 -4.24 14.32 9.26
C GLN C 391 -3.58 13.22 10.08
N SER C 392 -4.15 12.01 10.11
CA SER C 392 -3.58 10.92 10.90
C SER C 392 -2.41 10.24 10.21
N THR C 393 -2.05 10.68 9.00
CA THR C 393 -0.90 10.11 8.30
C THR C 393 0.38 10.62 8.95
N PRO C 394 1.40 9.75 9.13
CA PRO C 394 1.47 8.34 8.73
C PRO C 394 0.70 7.41 9.65
N TRP C 395 0.25 6.28 9.13
CA TRP C 395 -0.51 5.33 9.92
C TRP C 395 0.38 4.31 10.62
N GLN C 396 1.69 4.54 10.65
CA GLN C 396 2.60 3.75 11.47
C GLN C 396 3.02 4.47 12.74
N GLU C 397 2.98 5.80 12.75
CA GLU C 397 3.36 6.60 13.90
C GLU C 397 2.13 7.04 14.67
N GLN C 398 2.28 7.11 16.00
CA GLN C 398 1.21 7.57 16.88
C GLN C 398 1.13 9.10 16.83
N SER C 399 0.41 9.60 15.83
CA SER C 399 0.40 11.02 15.50
C SER C 399 -0.73 11.71 16.25
N SER C 400 -1.02 12.95 15.86
CA SER C 400 -2.04 13.77 16.51
C SER C 400 -2.70 14.64 15.44
N VAL C 401 -3.95 15.01 15.70
CA VAL C 401 -4.77 15.71 14.70
C VAL C 401 -5.54 16.85 15.36
N SER C 402 -5.52 18.01 14.71
CA SER C 402 -6.31 19.14 15.16
C SER C 402 -7.67 19.08 14.45
N LEU C 403 -8.60 19.93 14.88
CA LEU C 403 -9.97 19.79 14.39
C LEU C 403 -10.66 21.14 14.52
N PRO C 404 -11.48 21.52 13.54
CA PRO C 404 -12.22 22.79 13.66
C PRO C 404 -13.40 22.68 14.61
N THR C 405 -13.51 23.68 15.49
CA THR C 405 -14.61 23.81 16.43
C THR C 405 -15.39 25.08 16.15
N VAL C 406 -15.43 25.47 14.87
CA VAL C 406 -16.10 26.68 14.42
C VAL C 406 -17.22 26.37 13.46
N LEU C 407 -17.02 25.43 12.53
CA LEU C 407 -18.10 25.01 11.64
C LEU C 407 -19.20 24.29 12.39
N LEU C 408 -18.89 23.71 13.55
CA LEU C 408 -19.90 23.09 14.39
C LEU C 408 -20.34 24.02 15.51
N GLY C 409 -19.40 24.40 16.38
CA GLY C 409 -19.62 25.26 17.51
C GLY C 409 -20.93 25.07 18.25
N ASP C 410 -21.36 23.81 18.43
CA ASP C 410 -22.60 23.56 19.17
C ASP C 410 -22.28 23.33 20.64
N CYS C 411 -21.61 22.22 20.95
CA CYS C 411 -20.96 22.06 22.26
C CYS C 411 -19.59 21.42 22.20
N TRP C 412 -19.30 20.61 21.17
CA TRP C 412 -18.06 19.87 20.96
C TRP C 412 -17.42 19.45 22.27
N ASP C 413 -18.20 18.82 23.14
CA ASP C 413 -17.67 18.26 24.38
C ASP C 413 -17.31 16.79 24.16
N GLU C 414 -17.08 16.07 25.25
CA GLU C 414 -16.90 14.63 25.15
C GLU C 414 -18.24 13.93 24.91
N LYS C 415 -19.28 14.32 25.65
CA LYS C 415 -20.61 13.80 25.35
C LYS C 415 -21.12 14.18 23.96
N ASN C 416 -20.36 14.97 23.22
CA ASN C 416 -20.76 15.32 21.87
C ASN C 416 -20.88 14.04 21.03
N PRO C 417 -21.86 13.97 20.12
CA PRO C 417 -21.99 12.76 19.30
C PRO C 417 -20.71 12.33 18.58
N THR C 418 -19.96 13.28 18.01
CA THR C 418 -18.76 12.93 17.26
C THR C 418 -17.63 12.49 18.18
N TRP C 419 -17.62 12.96 19.42
CA TRP C 419 -16.60 12.52 20.36
C TRP C 419 -16.84 11.07 20.75
N VAL C 420 -18.09 10.69 20.98
CA VAL C 420 -18.39 9.30 21.31
C VAL C 420 -18.15 8.42 20.09
N LEU C 421 -18.51 8.91 18.91
CA LEU C 421 -18.24 8.16 17.68
C LEU C 421 -16.76 7.89 17.49
N LEU C 422 -15.90 8.85 17.86
CA LEU C 422 -14.47 8.68 17.70
C LEU C 422 -13.79 8.01 18.90
N GLU C 423 -14.41 8.06 20.08
CA GLU C 423 -13.81 7.44 21.27
C GLU C 423 -13.94 5.93 21.25
N GLU C 424 -15.14 5.42 20.97
CA GLU C 424 -15.29 4.00 20.72
C GLU C 424 -14.61 3.57 19.42
N CYS C 425 -14.12 4.54 18.65
CA CYS C 425 -13.35 4.29 17.45
C CYS C 425 -11.86 4.13 17.70
N GLY C 426 -11.45 3.98 18.96
CA GLY C 426 -10.05 3.80 19.30
C GLY C 426 -9.26 5.08 19.47
N LEU C 427 -9.94 6.23 19.58
CA LEU C 427 -9.27 7.53 19.61
C LEU C 427 -9.57 8.18 20.95
N ARG C 428 -8.52 8.45 21.72
CA ARG C 428 -8.65 9.03 23.05
C ARG C 428 -8.68 10.56 22.98
N VAL C 431 -9.88 19.22 24.35
CA VAL C 431 -10.75 19.95 23.44
C VAL C 431 -9.92 20.79 22.43
N GLU C 432 -9.05 21.65 22.93
CA GLU C 432 -8.21 22.46 22.05
C GLU C 432 -7.08 21.63 21.45
N SER C 433 -6.20 21.12 22.31
CA SER C 433 -5.10 20.28 21.88
C SER C 433 -5.65 19.04 21.18
N PRO C 434 -4.87 18.37 20.36
CA PRO C 434 -5.36 17.13 19.76
C PRO C 434 -5.62 16.10 20.84
N GLN C 435 -6.90 15.82 21.08
CA GLN C 435 -7.28 14.89 22.13
C GLN C 435 -6.87 13.47 21.74
N VAL C 436 -6.97 13.16 20.46
CA VAL C 436 -6.77 11.82 19.95
C VAL C 436 -5.29 11.62 19.70
N HIS C 437 -4.72 10.61 20.34
CA HIS C 437 -3.35 10.21 20.07
C HIS C 437 -3.55 8.96 19.22
N TRP C 438 -3.33 9.11 17.92
CA TRP C 438 -3.72 8.07 16.98
C TRP C 438 -2.90 6.81 17.20
N GLU C 439 -3.58 5.68 17.27
CA GLU C 439 -2.90 4.42 17.52
C GLU C 439 -3.06 3.52 16.30
N PRO C 440 -2.08 2.65 16.02
CA PRO C 440 -2.24 1.75 14.87
C PRO C 440 -3.49 0.90 14.99
N THR C 441 -3.79 0.40 16.18
CA THR C 441 -4.98 -0.40 16.40
C THR C 441 -6.26 0.40 16.21
N SER C 442 -6.17 1.72 16.05
CA SER C 442 -7.34 2.54 15.81
C SER C 442 -7.51 2.88 14.34
N LEU C 443 -6.69 2.29 13.45
CA LEU C 443 -6.92 2.48 12.02
C LEU C 443 -8.19 1.77 11.59
N ILE C 444 -8.28 0.46 11.88
CA ILE C 444 -9.41 -0.34 11.40
C ILE C 444 -10.75 0.23 11.84
N PRO C 445 -10.95 0.64 13.10
CA PRO C 445 -12.24 1.27 13.45
C PRO C 445 -12.51 2.52 12.61
N THR C 446 -11.60 3.50 12.69
CA THR C 446 -11.80 4.78 12.02
C THR C 446 -11.95 4.60 10.52
N SER C 447 -11.05 3.82 9.91
CA SER C 447 -11.15 3.53 8.48
C SER C 447 -12.54 3.04 8.11
N ALA C 448 -13.17 2.27 9.00
CA ALA C 448 -14.54 1.82 8.75
C ALA C 448 -15.55 2.92 9.06
N LEU C 449 -15.37 3.64 10.17
CA LEU C 449 -16.33 4.67 10.56
C LEU C 449 -16.50 5.71 9.46
N TYR C 450 -15.39 6.09 8.81
CA TYR C 450 -15.49 6.98 7.66
C TYR C 450 -16.32 6.32 6.56
N ALA C 451 -15.95 5.10 6.17
CA ALA C 451 -16.53 4.44 5.02
C ALA C 451 -18.05 4.42 5.11
N SER C 452 -18.58 3.85 6.20
CA SER C 452 -20.03 3.82 6.41
C SER C 452 -20.63 5.22 6.25
N LEU C 453 -20.08 6.20 6.97
CA LEU C 453 -20.62 7.56 6.93
C LEU C 453 -20.73 8.08 5.51
N PHE C 454 -19.88 7.61 4.61
CA PHE C 454 -19.93 8.04 3.23
C PHE C 454 -21.05 7.33 2.46
N LEU C 455 -21.13 6.00 2.57
CA LEU C 455 -22.15 5.29 1.80
C LEU C 455 -23.56 5.74 2.17
N LEU C 456 -23.85 5.84 3.46
CA LEU C 456 -25.17 6.34 3.87
C LEU C 456 -25.40 7.77 3.40
N SER C 457 -24.33 8.57 3.28
CA SER C 457 -24.50 9.91 2.73
C SER C 457 -24.84 9.87 1.25
N SER C 458 -24.26 8.90 0.54
CA SER C 458 -24.49 8.75 -0.89
C SER C 458 -25.88 8.23 -1.23
N LEU C 459 -26.67 7.81 -0.25
CA LEU C 459 -28.03 7.33 -0.52
C LEU C 459 -28.99 8.48 -0.26
N GLY C 460 -29.12 9.35 -1.26
CA GLY C 460 -30.00 10.50 -1.23
C GLY C 460 -29.29 11.78 -1.60
N GLN C 461 -29.69 12.39 -2.71
CA GLN C 461 -29.13 13.68 -3.11
C GLN C 461 -30.23 14.68 -3.46
N PRO D 3 30.95 -3.71 7.56
CA PRO D 3 30.28 -4.26 6.37
C PRO D 3 30.83 -5.60 5.94
N SER D 4 30.95 -6.54 6.89
CA SER D 4 31.36 -7.89 6.60
C SER D 4 30.16 -8.82 6.62
N ALA D 5 30.35 -10.03 6.08
CA ALA D 5 29.24 -10.98 5.98
C ALA D 5 28.92 -11.66 7.31
N PHE D 6 29.93 -11.86 8.17
CA PHE D 6 29.68 -12.53 9.45
C PHE D 6 28.95 -11.62 10.44
N GLU D 7 29.14 -10.30 10.33
CA GLU D 7 28.43 -9.36 11.17
C GLU D 7 26.92 -9.41 10.98
N LYS D 8 26.45 -10.00 9.88
CA LYS D 8 25.03 -10.01 9.56
C LYS D 8 24.25 -11.09 10.30
N VAL D 9 24.88 -12.17 10.79
CA VAL D 9 24.10 -13.23 11.40
C VAL D 9 23.60 -12.83 12.79
N VAL D 10 24.37 -12.02 13.54
CA VAL D 10 23.87 -11.55 14.82
C VAL D 10 22.66 -10.64 14.61
N LYS D 11 22.72 -9.78 13.60
CA LYS D 11 21.60 -8.89 13.32
C LYS D 11 20.39 -9.68 12.82
N ASN D 12 20.63 -10.77 12.08
CA ASN D 12 19.54 -11.66 11.70
C ASN D 12 18.88 -12.27 12.93
N VAL D 13 19.70 -12.70 13.90
CA VAL D 13 19.16 -13.27 15.13
C VAL D 13 18.32 -12.24 15.90
N ILE D 14 18.83 -11.01 16.01
CA ILE D 14 18.11 -9.98 16.76
C ILE D 14 16.85 -9.53 16.02
N LYS D 15 16.81 -9.69 14.70
CA LYS D 15 15.68 -9.21 13.91
C LYS D 15 14.39 -9.98 14.19
N GLU D 16 14.49 -11.24 14.60
CA GLU D 16 13.30 -12.08 14.71
C GLU D 16 12.38 -11.64 15.85
N VAL D 17 12.93 -11.30 17.02
CA VAL D 17 12.11 -11.03 18.19
C VAL D 17 12.28 -9.58 18.65
N SER D 18 12.48 -8.67 17.70
CA SER D 18 12.57 -7.24 18.01
C SER D 18 11.37 -6.78 18.81
N GLY D 19 11.64 -6.11 19.93
CA GLY D 19 10.62 -5.63 20.84
C GLY D 19 10.44 -4.13 20.72
N SER D 20 9.19 -3.68 20.77
CA SER D 20 8.90 -2.24 20.86
C SER D 20 9.17 -1.68 22.24
N ARG D 21 9.84 -2.46 23.09
CA ARG D 21 10.18 -2.00 24.43
C ARG D 21 11.23 -0.89 24.39
N GLY D 22 12.10 -0.88 23.39
CA GLY D 22 13.10 0.17 23.31
C GLY D 22 14.05 -0.05 22.15
N ASP D 23 15.01 0.86 22.05
CA ASP D 23 16.04 0.82 21.00
C ASP D 23 17.05 -0.27 21.31
N LEU D 24 17.19 -1.22 20.39
CA LEU D 24 18.06 -2.38 20.57
C LEU D 24 19.30 -2.22 19.69
N ILE D 25 20.43 -1.95 20.32
CA ILE D 25 21.70 -1.76 19.62
C ILE D 25 22.34 -3.13 19.42
N PRO D 26 22.62 -3.55 18.19
CA PRO D 26 23.40 -4.76 18.00
C PRO D 26 24.84 -4.51 18.43
N VAL D 27 25.45 -5.52 19.04
CA VAL D 27 26.80 -5.34 19.56
C VAL D 27 27.73 -4.98 18.41
N ASP D 28 28.60 -4.01 18.65
CA ASP D 28 29.30 -3.37 17.54
C ASP D 28 30.47 -4.21 17.08
N SER D 29 31.25 -4.74 18.03
CA SER D 29 32.31 -5.68 17.72
C SER D 29 32.15 -6.89 18.62
N LEU D 30 32.31 -8.09 18.07
CA LEU D 30 32.17 -9.29 18.87
C LEU D 30 33.31 -9.43 19.86
N ARG D 31 34.49 -8.92 19.49
CA ARG D 31 35.61 -8.90 20.44
C ARG D 31 35.38 -7.85 21.52
N ASN D 32 34.63 -6.80 21.21
CA ASN D 32 34.33 -5.71 22.14
C ASN D 32 33.14 -6.01 23.04
N SER D 33 32.50 -7.17 22.88
CA SER D 33 31.25 -7.41 23.60
C SER D 33 31.46 -7.45 25.11
N THR D 34 32.65 -7.83 25.58
CA THR D 34 32.93 -7.77 27.00
C THR D 34 32.82 -6.36 27.54
N SER D 35 32.90 -5.36 26.67
CA SER D 35 32.74 -3.97 27.08
C SER D 35 31.28 -3.58 27.18
N PHE D 36 30.40 -4.24 26.42
CA PHE D 36 28.97 -3.95 26.49
C PHE D 36 28.29 -4.86 27.51
N ARG D 37 28.86 -4.90 28.71
CA ARG D 37 28.33 -5.66 29.82
C ARG D 37 27.20 -4.89 30.50
N PRO D 38 26.28 -5.59 31.17
CA PRO D 38 25.35 -4.89 32.05
C PRO D 38 26.11 -4.10 33.09
N TYR D 39 25.61 -2.89 33.38
CA TYR D 39 26.22 -1.93 34.29
C TYR D 39 27.49 -1.31 33.72
N CYS D 40 27.92 -1.79 32.56
CA CYS D 40 29.12 -1.20 31.95
C CYS D 40 28.74 0.11 31.25
N LEU D 41 29.74 0.97 31.10
CA LEU D 41 29.51 2.36 30.73
C LEU D 41 29.93 2.62 29.29
N LEU D 42 29.17 3.48 28.62
CA LEU D 42 29.48 3.94 27.27
C LEU D 42 29.40 5.46 27.23
N ASN D 43 30.32 6.08 26.50
CA ASN D 43 30.27 7.52 26.32
C ASN D 43 30.05 7.84 24.85
N ARG D 44 29.37 8.95 24.60
CA ARG D 44 29.13 9.43 23.24
C ARG D 44 29.27 10.94 23.23
N LYS D 45 29.91 11.48 22.21
CA LYS D 45 30.00 12.92 22.12
C LYS D 45 28.61 13.52 21.90
N PHE D 46 28.50 14.82 22.16
CA PHE D 46 27.19 15.47 22.10
C PHE D 46 26.58 15.34 20.71
N SER D 47 25.27 15.13 20.68
CA SER D 47 24.53 15.01 19.44
C SER D 47 23.88 16.36 19.15
N SER D 48 24.45 17.09 18.19
CA SER D 48 23.92 18.39 17.78
C SER D 48 22.71 18.27 16.87
N SER D 49 22.14 17.07 16.74
CA SER D 49 20.97 16.84 15.93
C SER D 49 20.08 15.81 16.61
N ARG D 50 18.81 15.78 16.19
CA ARG D 50 17.87 14.78 16.65
C ARG D 50 17.66 13.67 15.63
N PHE D 51 18.21 13.80 14.42
CA PHE D 51 18.01 12.81 13.38
C PHE D 51 19.15 11.81 13.25
N TRP D 52 20.30 12.06 13.87
CA TRP D 52 21.36 11.06 13.94
C TRP D 52 22.16 11.27 15.21
N LYS D 53 22.94 10.24 15.58
CA LYS D 53 23.89 10.33 16.66
C LYS D 53 25.09 9.44 16.36
N PRO D 54 26.30 9.87 16.74
CA PRO D 54 27.48 9.03 16.49
C PRO D 54 27.50 7.79 17.36
N ARG D 55 28.26 6.79 16.90
CA ARG D 55 28.30 5.50 17.56
C ARG D 55 28.93 5.61 18.96
N TYR D 56 28.49 4.72 19.85
CA TYR D 56 29.00 4.70 21.21
C TYR D 56 30.43 4.18 21.26
N SER D 57 31.29 4.90 21.97
CA SER D 57 32.62 4.43 22.33
C SER D 57 32.62 4.07 23.80
N CYS D 58 33.30 2.98 24.14
CA CYS D 58 33.21 2.41 25.49
C CYS D 58 34.21 3.06 26.44
N VAL D 59 33.78 3.22 27.69
CA VAL D 59 34.62 3.77 28.74
C VAL D 59 35.45 2.69 29.42
N ASN D 60 35.09 1.42 29.22
CA ASN D 60 35.79 0.29 29.83
C ASN D 60 35.74 0.37 31.35
N LEU D 61 34.57 0.68 31.88
CA LEU D 61 34.32 0.73 33.31
C LEU D 61 32.92 0.23 33.60
N SER D 62 32.74 -0.37 34.76
CA SER D 62 31.42 -0.69 35.26
C SER D 62 30.82 0.59 35.83
N ILE D 63 29.72 0.46 36.57
CA ILE D 63 29.16 1.61 37.27
C ILE D 63 29.48 1.55 38.77
N LYS D 64 29.82 0.38 39.30
CA LYS D 64 30.16 0.23 40.70
C LYS D 64 31.45 0.94 41.10
N ASP D 65 32.20 1.49 40.15
CA ASP D 65 33.49 2.11 40.43
C ASP D 65 33.45 3.63 40.33
N ILE D 66 32.26 4.22 40.26
CA ILE D 66 32.08 5.67 40.39
C ILE D 66 31.27 6.04 41.62
N LEU D 67 30.78 5.06 42.37
CA LEU D 67 29.96 5.29 43.55
C LEU D 67 30.77 4.96 44.80
N GLU D 68 30.11 5.06 45.96
CA GLU D 68 30.86 5.05 47.22
C GLU D 68 31.40 3.66 47.53
N PRO D 69 30.59 2.60 47.60
CA PRO D 69 31.18 1.26 47.69
C PRO D 69 31.34 0.62 46.32
N SER D 70 32.38 -0.22 46.21
CA SER D 70 32.61 -1.00 45.01
C SER D 70 32.17 -2.44 45.29
N ALA D 71 31.14 -2.88 44.58
CA ALA D 71 30.61 -4.22 44.76
C ALA D 71 30.69 -5.04 43.48
N VAL D 84 29.29 -5.47 40.22
CA VAL D 84 28.33 -4.41 40.54
C VAL D 84 27.33 -4.95 41.56
N SER D 85 26.06 -5.10 41.19
CA SER D 85 25.08 -5.68 42.10
C SER D 85 24.57 -7.03 41.63
N ASP D 86 23.91 -7.10 40.47
CA ASP D 86 23.47 -8.36 39.88
C ASP D 86 22.73 -8.06 38.58
N VAL D 87 22.65 -9.08 37.73
CA VAL D 87 21.82 -9.04 36.53
C VAL D 87 20.73 -10.09 36.69
N VAL D 88 19.52 -9.76 36.24
CA VAL D 88 18.35 -10.59 36.51
C VAL D 88 17.73 -11.03 35.18
N ASP D 89 16.61 -11.75 35.25
CA ASP D 89 15.84 -12.17 34.09
C ASP D 89 16.65 -13.09 33.17
N GLY D 90 16.97 -14.26 33.70
CA GLY D 90 17.39 -15.31 32.80
C GLY D 90 16.19 -15.68 31.96
N ASN D 91 16.19 -15.21 30.70
CA ASN D 91 15.02 -15.29 29.82
C ASN D 91 15.44 -16.04 28.55
N ILE D 92 15.27 -17.35 28.57
CA ILE D 92 15.59 -18.17 27.40
C ILE D 92 14.69 -17.74 26.25
N GLN D 93 15.29 -17.17 25.21
CA GLN D 93 14.55 -16.76 24.03
C GLN D 93 14.29 -17.93 23.08
N GLY D 94 14.44 -19.15 23.57
CA GLY D 94 14.30 -20.35 22.78
C GLY D 94 15.26 -20.46 21.61
N ARG D 95 15.11 -21.52 20.82
CA ARG D 95 15.99 -21.77 19.68
C ARG D 95 15.62 -20.88 18.51
N VAL D 96 16.61 -20.56 17.69
CA VAL D 96 16.41 -19.69 16.54
C VAL D 96 16.98 -20.34 15.29
N ALA D 118 21.99 -22.99 13.20
CA ALA D 118 20.70 -22.36 12.97
C ALA D 118 19.69 -22.77 14.03
N SER D 119 20.18 -23.43 15.09
CA SER D 119 19.33 -23.84 16.22
C SER D 119 20.12 -23.58 17.51
N MET D 120 19.94 -22.39 18.07
CA MET D 120 20.65 -21.97 19.27
C MET D 120 19.70 -21.17 20.15
N ASN D 121 19.67 -21.49 21.45
CA ASN D 121 18.86 -20.74 22.39
C ASN D 121 19.69 -19.65 23.06
N VAL D 122 19.19 -18.42 22.99
CA VAL D 122 19.87 -17.28 23.57
C VAL D 122 19.03 -16.75 24.73
N CYS D 123 19.59 -15.80 25.47
CA CYS D 123 18.97 -15.30 26.69
C CYS D 123 19.15 -13.80 26.80
N ILE D 124 18.08 -13.11 27.12
CA ILE D 124 18.11 -11.66 27.34
C ILE D 124 18.13 -11.42 28.84
N LEU D 125 19.12 -10.66 29.30
CA LEU D 125 19.34 -10.40 30.72
C LEU D 125 19.07 -8.93 31.02
N ARG D 126 18.25 -8.69 32.03
CA ARG D 126 17.76 -7.36 32.37
C ARG D 126 18.26 -6.96 33.75
N VAL D 127 18.17 -5.67 34.02
CA VAL D 127 18.28 -5.13 35.37
C VAL D 127 17.09 -4.21 35.60
N THR D 128 16.35 -4.44 36.67
CA THR D 128 15.05 -3.81 36.87
C THR D 128 15.21 -2.44 37.51
N GLN D 129 14.21 -1.58 37.27
CA GLN D 129 14.22 -0.23 37.83
C GLN D 129 14.23 -0.24 39.35
N LYS D 130 13.65 -1.28 39.97
CA LYS D 130 13.69 -1.40 41.43
C LYS D 130 15.13 -1.43 41.94
N THR D 131 15.97 -2.27 41.32
CA THR D 131 17.37 -2.33 41.71
C THR D 131 18.07 -1.00 41.46
N TRP D 132 17.70 -0.31 40.37
CA TRP D 132 18.28 1.00 40.10
C TRP D 132 17.96 1.98 41.22
N GLU D 133 16.70 2.02 41.64
CA GLU D 133 16.29 2.95 42.68
C GLU D 133 16.92 2.62 44.02
N THR D 134 16.99 1.32 44.36
CA THR D 134 17.59 0.93 45.64
C THR D 134 19.09 1.20 45.65
N MET D 135 19.77 0.97 44.52
CA MET D 135 21.19 1.25 44.44
C MET D 135 21.46 2.75 44.43
N GLN D 136 20.54 3.55 43.90
CA GLN D 136 20.72 5.00 43.95
C GLN D 136 20.49 5.53 45.35
N HIS D 137 19.56 4.95 46.09
CA HIS D 137 19.32 5.37 47.46
C HIS D 137 20.36 4.85 48.44
N GLU D 138 21.05 3.75 48.11
CA GLU D 138 22.04 3.20 49.03
C GLU D 138 23.39 3.90 48.87
N ARG D 139 23.98 3.83 47.68
CA ARG D 139 25.26 4.46 47.41
C ARG D 139 25.06 5.79 46.69
N HIS D 140 25.71 6.83 47.19
CA HIS D 140 25.60 8.18 46.68
C HIS D 140 26.80 8.49 45.79
N LEU D 141 26.91 9.76 45.38
CA LEU D 141 27.99 10.19 44.52
C LEU D 141 29.32 10.10 45.24
N GLN D 142 30.36 9.67 44.51
CA GLN D 142 31.73 9.72 44.99
C GLN D 142 32.19 11.17 44.89
N GLN D 143 32.18 11.88 46.02
CA GLN D 143 32.44 13.31 46.00
C GLN D 143 33.80 13.65 45.39
N PRO D 144 34.93 13.04 45.80
CA PRO D 144 36.20 13.32 45.11
C PRO D 144 36.40 12.44 43.88
N GLU D 145 35.51 12.62 42.89
CA GLU D 145 35.59 11.89 41.62
C GLU D 145 35.96 12.90 40.54
N ASN D 146 37.23 12.87 40.13
CA ASN D 146 37.73 13.76 39.08
C ASN D 146 38.38 13.01 37.94
N LYS D 147 38.38 11.68 37.96
CA LYS D 147 39.19 10.90 37.02
C LYS D 147 38.59 10.91 35.62
N ILE D 148 37.37 10.38 35.47
CA ILE D 148 36.72 10.26 34.18
C ILE D 148 35.48 11.15 34.11
N LEU D 149 34.73 11.26 35.21
CA LEU D 149 33.61 12.20 35.26
C LEU D 149 34.04 13.60 34.86
N GLN D 150 35.14 14.08 35.44
CA GLN D 150 35.67 15.39 35.07
C GLN D 150 36.17 15.40 33.64
N GLN D 151 36.78 14.30 33.19
CA GLN D 151 37.25 14.23 31.81
C GLN D 151 36.10 14.19 30.81
N LEU D 152 34.91 13.75 31.22
CA LEU D 152 33.77 13.71 30.32
C LEU D 152 32.95 15.00 30.35
N ARG D 153 32.81 15.63 31.52
CA ARG D 153 32.14 16.92 31.56
C ARG D 153 32.93 18.02 30.87
N SER D 154 34.25 17.84 30.73
CA SER D 154 35.06 18.80 29.98
C SER D 154 34.78 18.76 28.48
N ARG D 155 34.15 17.70 27.99
CA ARG D 155 33.81 17.61 26.57
C ARG D 155 32.33 17.81 26.28
N GLY D 156 31.48 17.92 27.31
CA GLY D 156 30.06 17.95 27.06
C GLY D 156 29.50 16.67 26.50
N ASP D 157 30.18 15.54 26.73
CA ASP D 157 29.74 14.26 26.23
C ASP D 157 28.61 13.70 27.10
N ASP D 158 27.76 12.89 26.48
CA ASP D 158 26.72 12.18 27.20
C ASP D 158 27.21 10.78 27.57
N LEU D 159 26.63 10.26 28.65
CA LEU D 159 27.07 9.01 29.25
C LEU D 159 25.88 8.10 29.45
N PHE D 160 26.04 6.82 29.11
CA PHE D 160 24.98 5.84 29.18
C PHE D 160 25.49 4.59 29.87
N VAL D 161 24.55 3.83 30.43
CA VAL D 161 24.84 2.55 31.07
C VAL D 161 24.01 1.48 30.38
N VAL D 162 24.64 0.33 30.12
CA VAL D 162 23.94 -0.79 29.53
C VAL D 162 22.95 -1.33 30.57
N THR D 163 21.66 -1.15 30.31
CA THR D 163 20.62 -1.57 31.25
C THR D 163 19.89 -2.83 30.82
N GLU D 164 20.13 -3.32 29.61
CA GLU D 164 19.61 -4.62 29.22
C GLU D 164 20.56 -5.20 28.18
N VAL D 165 20.56 -6.53 28.05
CA VAL D 165 21.55 -7.19 27.19
C VAL D 165 20.94 -8.46 26.61
N LEU D 166 21.51 -8.92 25.50
CA LEU D 166 21.12 -10.14 24.80
C LEU D 166 22.38 -10.95 24.54
N GLN D 167 22.56 -12.04 25.28
CA GLN D 167 23.72 -12.91 25.17
C GLN D 167 23.27 -14.34 24.87
N THR D 168 24.22 -15.28 24.88
CA THR D 168 23.97 -16.64 24.42
C THR D 168 24.24 -17.66 25.51
N LYS D 169 23.89 -18.92 25.22
CA LYS D 169 24.15 -20.04 26.11
C LYS D 169 24.92 -21.16 25.41
N GLU D 170 24.74 -21.31 24.10
CA GLU D 170 25.30 -22.44 23.36
C GLU D 170 26.56 -22.05 22.59
N GLU D 171 27.47 -23.02 22.48
CA GLU D 171 28.69 -22.93 21.69
C GLU D 171 28.53 -23.75 20.42
N VAL D 172 28.52 -23.10 19.26
CA VAL D 172 28.23 -23.80 18.02
C VAL D 172 29.39 -23.60 17.04
N GLN D 173 29.44 -24.47 16.02
CA GLN D 173 30.50 -24.40 15.03
C GLN D 173 29.95 -24.63 13.62
N ILE D 174 30.42 -23.82 12.68
CA ILE D 174 30.08 -24.00 11.26
C ILE D 174 31.36 -24.25 10.47
N MET D 207 36.00 -21.95 8.57
CA MET D 207 35.52 -22.56 9.81
C MET D 207 35.34 -21.49 10.88
N VAL D 208 34.22 -21.53 11.58
CA VAL D 208 33.86 -20.52 12.58
C VAL D 208 33.33 -21.21 13.82
N THR D 209 33.76 -20.72 14.99
CA THR D 209 33.32 -21.22 16.29
C THR D 209 32.77 -20.06 17.10
N ILE D 210 31.63 -20.29 17.75
CA ILE D 210 30.86 -19.27 18.44
C ILE D 210 30.69 -19.70 19.89
N PRO D 211 31.12 -18.90 20.86
CA PRO D 211 31.15 -19.33 22.26
C PRO D 211 29.85 -19.05 23.02
N ALA D 212 29.80 -19.61 24.23
CA ALA D 212 28.68 -19.43 25.15
C ALA D 212 28.88 -18.20 26.04
N GLY D 213 27.78 -17.52 26.36
CA GLY D 213 27.81 -16.37 27.24
C GLY D 213 28.18 -15.05 26.60
N SER D 214 28.65 -15.05 25.36
CA SER D 214 29.04 -13.82 24.70
C SER D 214 27.81 -12.95 24.43
N ILE D 215 28.02 -11.64 24.46
CA ILE D 215 26.92 -10.68 24.36
C ILE D 215 26.71 -10.32 22.89
N LEU D 216 25.46 -10.35 22.45
CA LEU D 216 25.12 -10.07 21.07
C LEU D 216 24.35 -8.78 20.86
N ALA D 217 23.71 -8.23 21.87
CA ALA D 217 22.95 -7.00 21.69
C ALA D 217 22.74 -6.33 23.05
N PHE D 218 22.28 -5.09 23.04
CA PHE D 218 22.09 -4.40 24.31
C PHE D 218 21.14 -3.23 24.17
N ARG D 219 20.67 -2.76 25.33
CA ARG D 219 19.78 -1.62 25.47
C ARG D 219 20.37 -0.72 26.55
N VAL D 220 20.44 0.58 26.27
CA VAL D 220 21.15 1.51 27.13
C VAL D 220 20.16 2.47 27.79
N ALA D 221 20.69 3.25 28.74
CA ALA D 221 19.94 4.28 29.44
C ALA D 221 20.91 5.38 29.85
N GLN D 222 20.60 6.62 29.49
CA GLN D 222 21.49 7.74 29.76
C GLN D 222 21.56 8.00 31.26
N LEU D 223 22.59 8.75 31.67
CA LEU D 223 22.62 9.29 33.02
C LEU D 223 23.21 10.69 33.00
N LEU D 224 22.78 11.51 33.96
CA LEU D 224 23.26 12.88 34.09
C LEU D 224 23.80 13.11 35.48
N ILE D 225 24.77 14.02 35.56
CA ILE D 225 25.55 14.26 36.77
C ILE D 225 25.52 15.74 37.09
N GLY D 226 26.27 16.16 38.11
CA GLY D 226 26.31 17.53 38.58
C GLY D 226 26.45 17.54 40.09
N SER D 227 25.61 18.30 40.78
CA SER D 227 25.49 18.13 42.22
C SER D 227 24.73 16.85 42.56
N LYS D 228 24.01 16.30 41.59
CA LYS D 228 23.25 15.06 41.74
C LYS D 228 23.49 14.20 40.52
N TRP D 229 23.34 12.89 40.69
CA TRP D 229 23.47 11.93 39.60
C TRP D 229 22.20 11.09 39.52
N ASP D 230 21.70 10.90 38.30
CA ASP D 230 20.47 10.14 38.11
C ASP D 230 20.42 9.59 36.69
N ILE D 231 19.44 8.72 36.44
CA ILE D 231 19.36 7.92 35.24
C ILE D 231 18.13 8.33 34.42
N LEU D 232 18.25 8.17 33.11
CA LEU D 232 17.16 8.32 32.14
C LEU D 232 17.01 6.99 31.43
N LEU D 233 16.01 6.21 31.85
CA LEU D 233 15.68 4.97 31.14
C LEU D 233 14.87 5.28 29.89
N VAL D 234 13.99 6.27 29.94
CA VAL D 234 13.32 6.78 28.75
C VAL D 234 14.29 7.73 28.05
N SER D 235 14.76 7.33 26.87
CA SER D 235 15.85 8.01 26.19
C SER D 235 15.35 9.34 25.62
N ASP D 236 15.33 10.35 26.49
CA ASP D 236 14.96 11.70 26.07
C ASP D 236 16.15 12.32 25.35
N GLU D 237 15.94 12.71 24.09
CA GLU D 237 17.01 13.19 23.23
C GLU D 237 17.40 14.64 23.51
N LYS D 238 16.70 15.32 24.41
CA LYS D 238 16.94 16.72 24.66
C LYS D 238 17.90 16.95 25.82
N GLN D 239 17.84 16.10 26.85
CA GLN D 239 18.52 16.39 28.11
C GLN D 239 20.02 16.19 27.94
N ARG D 240 20.80 17.17 28.40
CA ARG D 240 22.24 17.10 28.42
C ARG D 240 22.72 16.49 29.73
N THR D 241 23.96 15.98 29.70
CA THR D 241 24.53 15.41 30.92
C THR D 241 25.29 16.45 31.73
N PHE D 242 25.96 17.39 31.06
CA PHE D 242 26.68 18.46 31.74
C PHE D 242 26.40 19.76 31.02
N GLU D 243 26.19 20.82 31.80
CA GLU D 243 25.87 22.12 31.23
C GLU D 243 27.12 22.92 30.90
N ASP D 265 9.24 11.99 9.30
CA ASP D 265 9.12 13.40 8.99
C ASP D 265 10.43 13.98 8.46
N PHE D 266 10.33 14.72 7.37
CA PHE D 266 11.47 15.28 6.66
C PHE D 266 11.69 16.77 6.90
N GLN D 267 10.64 17.51 7.24
CA GLN D 267 10.75 18.96 7.38
C GLN D 267 11.60 19.37 8.58
N GLY D 268 11.55 18.63 9.68
CA GLY D 268 12.39 18.96 10.83
C GLY D 268 13.87 19.00 10.51
N LEU D 269 14.33 18.07 9.66
CA LEU D 269 15.73 18.04 9.26
C LEU D 269 16.07 19.29 8.43
N TYR D 270 15.17 19.63 7.50
CA TYR D 270 15.32 20.84 6.70
C TYR D 270 15.43 22.07 7.61
N ALA D 271 14.61 22.13 8.67
CA ALA D 271 14.67 23.25 9.59
C ALA D 271 15.99 23.29 10.35
N GLU D 272 16.45 22.12 10.85
CA GLU D 272 17.76 22.03 11.49
C GLU D 272 18.85 22.63 10.61
N VAL D 273 18.95 22.13 9.37
CA VAL D 273 20.02 22.57 8.49
C VAL D 273 19.83 24.04 8.10
N LYS D 274 18.58 24.49 7.98
CA LYS D 274 18.32 25.90 7.68
C LYS D 274 18.89 26.80 8.77
N ALA D 275 18.58 26.49 10.03
CA ALA D 275 19.23 27.19 11.13
C ALA D 275 20.75 27.08 11.02
N CYS D 276 21.23 25.91 10.59
CA CYS D 276 22.67 25.68 10.46
C CYS D 276 23.29 26.55 9.38
N SER D 277 22.65 26.64 8.21
CA SER D 277 23.16 27.28 7.00
C SER D 277 23.17 28.80 7.02
N SER D 278 22.51 29.46 7.97
CA SER D 278 22.19 30.88 7.79
C SER D 278 23.42 31.80 7.88
N GLU D 279 24.36 31.52 8.78
CA GLU D 279 25.48 32.44 9.00
C GLU D 279 26.54 32.29 7.89
N LEU D 280 26.69 33.35 7.09
CA LEU D 280 27.76 33.43 6.11
C LEU D 280 28.38 34.84 6.05
N GLU D 281 28.42 35.57 7.17
CA GLU D 281 29.05 36.88 7.14
C GLU D 281 30.57 36.84 7.24
N SER D 282 31.16 35.73 7.70
CA SER D 282 32.60 35.65 7.85
C SER D 282 33.30 34.95 6.68
N LEU D 283 32.64 34.83 5.52
CA LEU D 283 33.26 34.23 4.34
C LEU D 283 33.47 35.33 3.30
N GLU D 284 34.72 35.67 3.00
CA GLU D 284 34.94 36.60 1.91
C GLU D 284 34.94 35.88 0.56
N MET D 285 36.03 35.16 0.26
CA MET D 285 36.11 34.36 -0.97
C MET D 285 36.88 33.05 -0.82
N GLU D 286 37.93 32.99 0.01
CA GLU D 286 38.84 31.86 0.08
C GLU D 286 38.68 30.97 1.31
N LEU D 287 38.16 31.50 2.41
CA LEU D 287 38.00 30.71 3.63
C LEU D 287 37.13 29.48 3.40
N ARG D 288 36.04 29.65 2.65
CA ARG D 288 35.16 28.53 2.31
C ARG D 288 35.92 27.42 1.60
N GLN D 289 36.69 27.77 0.57
CA GLN D 289 37.41 26.76 -0.19
C GLN D 289 38.57 26.18 0.59
N GLN D 290 39.19 26.95 1.49
CA GLN D 290 40.18 26.36 2.38
C GLN D 290 39.55 25.27 3.22
N ILE D 291 38.40 25.57 3.84
CA ILE D 291 37.67 24.58 4.60
C ILE D 291 37.38 23.36 3.75
N LEU D 292 36.82 23.58 2.56
CA LEU D 292 36.39 22.46 1.72
C LEU D 292 37.56 21.60 1.25
N VAL D 293 38.59 22.21 0.67
CA VAL D 293 39.68 21.44 0.10
C VAL D 293 40.45 20.72 1.19
N ASN D 294 40.66 21.37 2.34
CA ASN D 294 41.35 20.67 3.40
C ASN D 294 40.46 19.64 4.09
N ILE D 295 39.13 19.77 3.98
CA ILE D 295 38.26 18.68 4.39
C ILE D 295 38.44 17.49 3.47
N GLY D 296 38.42 17.73 2.15
CA GLY D 296 38.65 16.65 1.20
C GLY D 296 40.01 16.01 1.37
N LYS D 297 40.97 16.78 1.91
CA LYS D 297 42.25 16.18 2.29
C LYS D 297 42.10 15.34 3.55
N ILE D 298 41.48 15.90 4.60
CA ILE D 298 41.27 15.14 5.84
C ILE D 298 40.07 14.22 5.76
N LEU D 299 39.29 14.27 4.67
CA LEU D 299 38.31 13.21 4.47
C LEU D 299 39.00 11.91 4.08
N GLN D 300 40.13 12.01 3.36
CA GLN D 300 40.93 10.84 3.06
C GLN D 300 41.85 10.46 4.20
N ASP D 301 42.02 11.34 5.20
CA ASP D 301 42.77 11.06 6.42
C ASP D 301 41.80 11.33 7.57
N GLN D 302 41.01 10.32 7.91
CA GLN D 302 39.96 10.50 8.92
C GLN D 302 40.43 10.91 10.32
N PRO D 303 41.61 10.50 10.83
CA PRO D 303 41.99 10.99 12.17
C PRO D 303 42.08 12.50 12.27
N SER D 304 42.39 13.18 11.17
CA SER D 304 42.35 14.65 11.19
C SER D 304 40.91 15.15 11.39
N MET D 305 39.94 14.54 10.71
CA MET D 305 38.54 14.85 10.96
C MET D 305 38.20 14.66 12.43
N GLU D 306 38.64 13.54 13.00
CA GLU D 306 38.28 13.21 14.38
C GLU D 306 38.90 14.21 15.35
N ALA D 307 40.17 14.56 15.14
CA ALA D 307 40.82 15.54 16.01
C ALA D 307 40.19 16.92 15.86
N LEU D 308 39.76 17.28 14.65
CA LEU D 308 39.06 18.55 14.46
C LEU D 308 37.76 18.57 15.23
N GLU D 309 36.95 17.52 15.07
CA GLU D 309 35.70 17.41 15.83
C GLU D 309 35.94 17.47 17.34
N ALA D 310 37.02 16.84 17.80
CA ALA D 310 37.32 16.82 19.23
C ALA D 310 37.71 18.22 19.72
N SER D 311 38.55 18.92 18.95
CA SER D 311 38.91 20.29 19.32
C SER D 311 37.67 21.19 19.37
N LEU D 312 36.76 21.02 18.41
CA LEU D 312 35.54 21.83 18.43
C LEU D 312 34.66 21.50 19.63
N GLY D 313 34.51 20.21 19.95
CA GLY D 313 33.74 19.83 21.12
C GLY D 313 34.33 20.35 22.41
N GLN D 314 35.66 20.40 22.49
CA GLN D 314 36.30 21.02 23.66
C GLN D 314 36.02 22.52 23.69
N GLY D 315 36.18 23.20 22.55
CA GLY D 315 35.96 24.63 22.46
C GLY D 315 34.52 25.07 22.64
N LEU D 316 33.57 24.14 22.55
CA LEU D 316 32.16 24.53 22.62
C LEU D 316 31.69 24.68 24.06
N CYS D 317 31.78 23.60 24.85
CA CYS D 317 31.33 23.66 26.23
C CYS D 317 32.26 24.49 27.13
N SER D 318 33.49 24.75 26.70
CA SER D 318 34.47 25.36 27.59
C SER D 318 35.11 26.61 27.00
N GLY D 319 35.32 26.64 25.69
CA GLY D 319 36.03 27.76 25.10
C GLY D 319 37.52 27.67 25.34
N GLY D 320 38.16 28.81 25.58
CA GLY D 320 39.58 28.83 25.90
C GLY D 320 40.47 28.73 24.67
N GLN D 321 41.77 28.68 24.94
CA GLN D 321 42.76 28.65 23.87
C GLN D 321 42.73 27.31 23.14
N VAL D 322 42.72 27.35 21.82
CA VAL D 322 42.83 26.17 20.97
C VAL D 322 44.12 26.28 20.18
N GLU D 323 44.96 25.23 20.26
CA GLU D 323 46.25 25.26 19.58
C GLU D 323 46.11 24.92 18.10
N PRO D 324 46.92 25.55 17.25
CA PRO D 324 46.88 25.23 15.82
C PRO D 324 47.39 23.81 15.58
N LEU D 325 47.14 23.32 14.36
CA LEU D 325 47.58 22.00 13.93
C LEU D 325 48.34 22.12 12.62
N ASP D 326 49.13 21.09 12.32
CA ASP D 326 49.84 21.00 11.07
C ASP D 326 49.01 20.26 10.02
N GLY D 327 49.49 20.30 8.77
CA GLY D 327 48.84 19.61 7.68
C GLY D 327 47.45 20.16 7.38
N PRO D 328 46.64 19.37 6.67
CA PRO D 328 45.29 19.86 6.31
C PRO D 328 44.37 20.04 7.50
N ALA D 329 44.54 19.25 8.56
CA ALA D 329 43.76 19.46 9.78
C ALA D 329 43.96 20.87 10.31
N GLY D 330 45.22 21.30 10.44
CA GLY D 330 45.48 22.65 10.88
C GLY D 330 45.16 23.69 9.84
N CYS D 331 45.23 23.33 8.55
CA CYS D 331 44.82 24.26 7.52
C CYS D 331 43.33 24.57 7.61
N ILE D 332 42.54 23.63 8.13
CA ILE D 332 41.15 23.96 8.48
C ILE D 332 41.09 24.71 9.79
N LEU D 333 41.81 24.24 10.81
CA LEU D 333 41.70 24.81 12.15
C LEU D 333 42.01 26.30 12.16
N GLU D 334 42.97 26.72 11.33
CA GLU D 334 43.29 28.14 11.19
C GLU D 334 42.15 28.95 10.58
N CYS D 335 41.13 28.30 10.02
CA CYS D 335 40.06 28.96 9.30
C CYS D 335 38.84 29.29 10.16
N LEU D 336 38.90 29.09 11.47
CA LEU D 336 37.67 29.30 12.24
C LEU D 336 37.75 30.40 13.28
N VAL D 337 38.87 30.54 13.98
CA VAL D 337 38.97 31.56 15.02
C VAL D 337 39.60 32.82 14.46
N LEU D 338 38.95 33.97 14.71
CA LEU D 338 39.51 35.29 14.44
C LEU D 338 40.17 35.88 15.67
N ASP D 339 39.52 35.74 16.83
CA ASP D 339 40.01 36.18 18.13
C ASP D 339 41.04 35.19 18.66
N SER D 340 41.37 35.28 19.95
CA SER D 340 42.36 34.36 20.50
C SER D 340 41.81 32.94 20.61
N GLY D 341 40.80 32.73 21.47
CA GLY D 341 40.19 31.42 21.54
C GLY D 341 38.73 31.39 21.98
N GLU D 342 38.11 32.55 22.19
CA GLU D 342 36.75 32.61 22.71
C GLU D 342 35.77 32.93 21.58
N LEU D 343 35.36 31.90 20.86
CA LEU D 343 34.45 32.08 19.73
C LEU D 343 33.05 31.77 20.23
N VAL D 344 32.34 32.82 20.64
CA VAL D 344 30.96 32.74 21.13
C VAL D 344 29.90 32.67 20.03
N PRO D 345 30.01 33.37 18.89
CA PRO D 345 28.86 33.43 17.97
C PRO D 345 28.42 32.04 17.52
N GLU D 346 27.10 31.86 17.40
CA GLU D 346 26.55 30.56 17.09
C GLU D 346 26.82 30.21 15.63
N LEU D 347 28.10 30.05 15.30
CA LEU D 347 28.56 29.65 13.97
C LEU D 347 29.55 28.50 13.98
N ALA D 348 30.29 28.30 15.07
CA ALA D 348 31.18 27.14 15.18
C ALA D 348 30.40 25.88 15.53
N ALA D 349 29.32 26.02 16.30
CA ALA D 349 28.48 24.86 16.59
C ALA D 349 27.90 24.24 15.32
N PRO D 350 27.46 25.00 14.32
CA PRO D 350 27.07 24.37 13.04
C PRO D 350 28.20 23.63 12.36
N ILE D 351 29.43 24.14 12.43
CA ILE D 351 30.57 23.44 11.84
C ILE D 351 30.77 22.10 12.54
N PHE D 352 30.64 22.10 13.87
CA PHE D 352 30.67 20.85 14.63
C PHE D 352 29.53 19.92 14.21
N TYR D 353 28.34 20.49 14.01
CA TYR D 353 27.20 19.73 13.52
C TYR D 353 27.53 19.02 12.21
N LEU D 354 28.17 19.74 11.28
CA LEU D 354 28.51 19.15 9.99
C LEU D 354 29.60 18.10 10.13
N LEU D 355 30.60 18.36 10.96
CA LEU D 355 31.65 17.38 11.20
C LEU D 355 31.06 16.09 11.79
N GLY D 356 30.07 16.22 12.67
CA GLY D 356 29.37 15.06 13.16
C GLY D 356 28.53 14.38 12.09
N ALA D 357 27.95 15.16 11.18
CA ALA D 357 27.20 14.59 10.08
C ALA D 357 28.10 13.71 9.21
N LEU D 358 29.35 14.12 9.03
CA LEU D 358 30.28 13.29 8.28
C LEU D 358 30.90 12.18 9.13
N ALA D 359 30.98 12.37 10.44
CA ALA D 359 31.60 11.40 11.33
C ALA D 359 30.92 10.04 11.29
N VAL D 360 29.63 10.00 10.95
CA VAL D 360 28.89 8.74 10.92
C VAL D 360 28.99 8.03 9.57
N LEU D 361 29.54 8.68 8.56
CA LEU D 361 29.68 8.06 7.25
C LEU D 361 30.71 6.93 7.27
N SER D 362 30.64 6.09 6.25
CA SER D 362 31.63 5.03 6.10
C SER D 362 32.89 5.60 5.44
N GLU D 363 34.02 4.94 5.67
CA GLU D 363 35.30 5.47 5.19
C GLU D 363 35.32 5.60 3.68
N THR D 364 35.10 4.50 2.95
CA THR D 364 35.10 4.54 1.49
C THR D 364 34.07 5.55 0.97
N GLN D 365 32.90 5.60 1.61
CA GLN D 365 31.86 6.53 1.18
C GLN D 365 32.38 7.96 1.20
N GLN D 366 32.97 8.39 2.32
CA GLN D 366 33.48 9.74 2.39
C GLN D 366 34.78 9.92 1.61
N GLN D 367 35.50 8.83 1.31
CA GLN D 367 36.64 8.93 0.40
C GLN D 367 36.17 9.39 -0.97
N LEU D 368 35.18 8.69 -1.52
CA LEU D 368 34.62 9.09 -2.80
C LEU D 368 33.93 10.45 -2.71
N LEU D 369 33.34 10.75 -1.55
CA LEU D 369 32.71 12.07 -1.36
C LEU D 369 33.77 13.18 -1.40
N ALA D 370 34.93 12.93 -0.78
CA ALA D 370 36.04 13.87 -0.85
C ALA D 370 36.50 14.07 -2.28
N LYS D 371 36.66 12.96 -3.01
CA LYS D 371 37.01 13.14 -4.42
C LYS D 371 35.86 13.72 -5.22
N ALA D 372 34.68 13.89 -4.61
CA ALA D 372 33.54 14.57 -5.21
C ALA D 372 33.35 15.99 -4.70
N LEU D 373 34.15 16.44 -3.74
CA LEU D 373 33.97 17.76 -3.14
C LEU D 373 34.18 18.88 -4.15
N GLU D 374 35.24 18.77 -4.95
CA GLU D 374 35.73 19.87 -5.79
C GLU D 374 34.76 20.33 -6.86
N THR D 375 33.60 19.69 -6.98
CA THR D 375 32.66 20.03 -8.03
C THR D 375 31.46 20.80 -7.48
N THR D 376 30.80 21.52 -8.39
CA THR D 376 29.53 22.19 -8.13
C THR D 376 28.36 21.20 -8.11
N VAL D 377 28.64 19.91 -8.20
CA VAL D 377 27.58 18.91 -8.38
C VAL D 377 27.09 18.57 -6.97
N LEU D 378 26.24 19.44 -6.45
CA LEU D 378 25.45 19.21 -5.25
C LEU D 378 23.96 19.41 -5.46
N SER D 379 23.57 20.42 -6.24
CA SER D 379 22.14 20.65 -6.49
C SER D 379 21.46 19.41 -7.04
N LYS D 380 22.07 18.77 -8.05
CA LYS D 380 21.54 17.51 -8.56
C LYS D 380 21.47 16.44 -7.46
N GLN D 381 22.60 16.17 -6.82
CA GLN D 381 22.64 15.10 -5.80
C GLN D 381 21.77 15.43 -4.61
N LEU D 382 21.86 16.66 -4.09
CA LEU D 382 21.06 17.01 -2.91
C LEU D 382 19.57 17.01 -3.23
N GLU D 383 19.19 17.55 -4.38
CA GLU D 383 17.79 17.53 -4.78
C GLU D 383 17.30 16.10 -5.00
N LEU D 384 18.17 15.22 -5.51
CA LEU D 384 17.82 13.82 -5.68
C LEU D 384 17.54 13.15 -4.35
N VAL D 385 18.45 13.37 -3.37
CA VAL D 385 18.24 12.80 -2.04
C VAL D 385 17.02 13.40 -1.38
N LYS D 386 16.73 14.68 -1.65
CA LYS D 386 15.53 15.30 -1.10
C LYS D 386 14.27 14.65 -1.64
N HIS D 387 14.23 14.40 -2.97
CA HIS D 387 13.08 13.69 -3.54
C HIS D 387 12.97 12.29 -2.98
N VAL D 388 14.12 11.61 -2.80
CA VAL D 388 14.11 10.26 -2.22
C VAL D 388 13.45 10.28 -0.85
N LEU D 389 13.95 11.14 0.05
CA LEU D 389 13.38 11.23 1.38
C LEU D 389 11.99 11.84 1.39
N GLU D 390 11.59 12.51 0.32
CA GLU D 390 10.25 13.08 0.20
C GLU D 390 9.22 12.01 -0.12
N GLN D 391 9.59 11.07 -1.00
CA GLN D 391 8.67 10.01 -1.40
C GLN D 391 8.84 8.73 -0.57
N SER D 392 9.88 8.66 0.26
CA SER D 392 10.15 7.44 1.01
C SER D 392 9.36 7.32 2.31
N THR D 393 8.56 8.31 2.66
CA THR D 393 7.72 8.22 3.85
C THR D 393 6.52 7.31 3.58
N PRO D 394 6.11 6.46 4.54
CA PRO D 394 6.58 6.26 5.92
C PRO D 394 7.87 5.46 6.07
N TRP D 395 8.61 5.76 7.13
CA TRP D 395 9.90 5.15 7.43
C TRP D 395 9.78 3.94 8.37
N GLN D 396 8.59 3.41 8.58
CA GLN D 396 8.40 2.16 9.31
C GLN D 396 8.23 0.95 8.40
N GLU D 397 7.79 1.17 7.16
CA GLU D 397 7.57 0.12 6.19
C GLU D 397 8.76 0.02 5.25
N GLN D 398 9.03 -1.20 4.79
CA GLN D 398 10.12 -1.45 3.83
C GLN D 398 9.61 -0.94 2.49
N SER D 399 9.74 0.36 2.29
CA SER D 399 9.09 1.06 1.19
C SER D 399 10.01 1.13 -0.03
N SER D 400 9.60 1.90 -1.03
CA SER D 400 10.36 2.03 -2.26
C SER D 400 10.13 3.41 -2.88
N VAL D 401 11.11 3.84 -3.67
CA VAL D 401 11.12 5.13 -4.36
C VAL D 401 11.66 4.87 -5.76
N SER D 402 11.01 5.43 -6.78
CA SER D 402 11.49 5.18 -8.14
C SER D 402 12.49 6.24 -8.61
N LEU D 403 11.98 7.43 -8.98
CA LEU D 403 12.85 8.47 -9.53
C LEU D 403 12.15 9.81 -9.73
N PRO D 404 12.84 10.93 -9.53
CA PRO D 404 12.30 12.22 -9.97
C PRO D 404 12.33 12.26 -11.48
N THR D 405 11.31 12.93 -12.05
CA THR D 405 10.97 12.91 -13.46
C THR D 405 12.14 12.67 -14.41
N VAL D 406 13.26 13.36 -14.23
CA VAL D 406 14.44 13.13 -15.06
C VAL D 406 15.57 12.68 -14.14
N LEU D 407 15.80 11.36 -14.07
CA LEU D 407 16.77 10.82 -13.14
C LEU D 407 18.20 10.95 -13.66
N LEU D 408 18.38 11.03 -14.98
CA LEU D 408 19.69 11.08 -15.63
C LEU D 408 20.53 9.86 -15.27
N GLY D 409 20.04 8.69 -15.67
CA GLY D 409 20.79 7.46 -15.49
C GLY D 409 21.84 7.22 -16.55
N ASP D 410 22.52 8.28 -16.97
CA ASP D 410 23.60 8.22 -17.94
C ASP D 410 24.95 8.07 -17.27
N CYS D 411 24.97 7.92 -15.95
CA CYS D 411 26.15 7.55 -15.18
C CYS D 411 25.88 6.47 -14.15
N TRP D 412 24.61 6.20 -13.82
CA TRP D 412 24.22 5.20 -12.85
C TRP D 412 25.05 3.93 -12.95
N ASP D 413 25.42 3.40 -11.79
CA ASP D 413 26.03 2.09 -11.53
C ASP D 413 27.53 2.00 -11.80
N GLU D 414 28.23 3.04 -12.21
CA GLU D 414 29.68 2.90 -12.27
C GLU D 414 30.30 3.01 -10.87
N LYS D 415 30.18 4.20 -10.28
CA LYS D 415 30.51 4.42 -8.87
C LYS D 415 29.65 5.54 -8.31
N ASN D 416 28.69 6.06 -9.09
CA ASN D 416 27.95 7.25 -8.75
C ASN D 416 27.34 7.13 -7.34
N PRO D 417 27.25 8.24 -6.61
CA PRO D 417 26.68 8.19 -5.25
C PRO D 417 25.37 7.45 -5.15
N THR D 418 24.52 7.54 -6.17
CA THR D 418 23.20 6.92 -6.06
C THR D 418 23.29 5.40 -6.04
N TRP D 419 24.31 4.80 -6.66
CA TRP D 419 24.46 3.36 -6.52
C TRP D 419 25.33 2.96 -5.32
N VAL D 420 26.55 3.50 -5.24
CA VAL D 420 27.49 3.07 -4.20
C VAL D 420 27.14 3.63 -2.84
N LEU D 421 26.85 4.94 -2.77
CA LEU D 421 26.45 5.55 -1.51
C LEU D 421 25.18 4.92 -0.96
N LEU D 422 24.27 4.50 -1.83
CA LEU D 422 23.03 3.89 -1.35
C LEU D 422 23.20 2.41 -1.05
N GLU D 423 24.16 1.74 -1.68
CA GLU D 423 24.44 0.36 -1.30
C GLU D 423 25.22 0.29 -0.01
N GLU D 424 26.23 1.15 0.15
CA GLU D 424 26.92 1.29 1.43
C GLU D 424 26.01 1.83 2.53
N CYS D 425 24.80 2.26 2.19
CA CYS D 425 23.79 2.56 3.18
C CYS D 425 23.01 1.31 3.56
N GLY D 426 23.48 0.13 3.13
CA GLY D 426 22.85 -1.13 3.44
C GLY D 426 21.72 -1.52 2.53
N LEU D 427 21.59 -0.88 1.37
CA LEU D 427 20.39 -1.00 0.54
C LEU D 427 20.75 -1.59 -0.81
N ARG D 428 20.18 -2.76 -1.11
CA ARG D 428 20.42 -3.43 -2.38
C ARG D 428 19.38 -2.95 -3.38
N LEU D 429 19.80 -2.06 -4.28
CA LEU D 429 18.92 -1.47 -5.27
C LEU D 429 19.52 -1.66 -6.65
N GLN D 430 18.70 -1.45 -7.68
CA GLN D 430 19.05 -1.79 -9.06
C GLN D 430 18.98 -0.56 -9.96
N VAL D 431 19.31 -0.79 -11.23
CA VAL D 431 19.41 0.30 -12.20
C VAL D 431 18.03 0.67 -12.75
N GLU D 432 17.29 -0.33 -13.23
CA GLU D 432 15.98 -0.06 -13.81
C GLU D 432 14.98 0.30 -12.71
N SER D 433 14.16 1.32 -13.00
CA SER D 433 13.19 1.81 -12.03
C SER D 433 12.20 0.70 -11.63
N PRO D 434 11.63 0.77 -10.42
CA PRO D 434 11.86 1.69 -9.28
C PRO D 434 13.26 1.51 -8.67
N GLN D 435 14.10 2.53 -8.78
CA GLN D 435 15.50 2.37 -8.37
C GLN D 435 15.65 2.21 -6.87
N VAL D 436 15.04 3.08 -6.08
CA VAL D 436 15.30 3.13 -4.64
C VAL D 436 14.32 2.23 -3.91
N HIS D 437 14.83 1.17 -3.27
CA HIS D 437 14.04 0.29 -2.42
C HIS D 437 14.83 -0.08 -1.17
N TRP D 438 14.33 0.28 0.01
CA TRP D 438 15.11 0.01 1.21
C TRP D 438 14.20 -0.30 2.39
N GLU D 439 14.84 -0.52 3.56
CA GLU D 439 14.35 -0.93 4.87
C GLU D 439 14.53 0.20 5.89
N PRO D 440 13.68 0.26 6.94
CA PRO D 440 13.82 1.34 7.93
C PRO D 440 15.21 1.52 8.54
N THR D 441 16.00 0.45 8.68
CA THR D 441 17.31 0.55 9.31
C THR D 441 18.26 1.53 8.60
N SER D 442 17.87 2.05 7.43
CA SER D 442 18.68 3.02 6.70
C SER D 442 18.22 4.46 6.92
N LEU D 443 17.37 4.71 7.92
CA LEU D 443 16.93 6.07 8.19
C LEU D 443 18.10 6.95 8.61
N ILE D 444 18.80 6.56 9.68
CA ILE D 444 19.90 7.39 10.19
C ILE D 444 21.00 7.61 9.15
N PRO D 445 21.48 6.58 8.41
CA PRO D 445 22.51 6.84 7.39
C PRO D 445 22.11 7.88 6.35
N THR D 446 21.01 7.63 5.62
CA THR D 446 20.61 8.52 4.54
C THR D 446 20.37 9.93 5.06
N SER D 447 19.64 10.04 6.18
CA SER D 447 19.39 11.34 6.80
C SER D 447 20.69 12.11 7.02
N ALA D 448 21.77 11.40 7.34
CA ALA D 448 23.05 12.08 7.51
C ALA D 448 23.68 12.43 6.16
N LEU D 449 23.64 11.50 5.20
CA LEU D 449 24.22 11.74 3.89
C LEU D 449 23.61 12.96 3.23
N TYR D 450 22.29 13.13 3.39
CA TYR D 450 21.63 14.35 2.95
C TYR D 450 22.21 15.57 3.66
N ALA D 451 22.30 15.51 4.98
CA ALA D 451 22.64 16.68 5.77
C ALA D 451 23.89 17.37 5.23
N SER D 452 25.01 16.63 5.17
CA SER D 452 26.25 17.19 4.67
C SER D 452 26.05 17.93 3.35
N LEU D 453 25.38 17.29 2.39
CA LEU D 453 25.18 17.86 1.06
C LEU D 453 24.59 19.27 1.10
N PHE D 454 23.78 19.57 2.13
CA PHE D 454 23.23 20.91 2.27
C PHE D 454 24.26 21.88 2.84
N LEU D 455 24.94 21.52 3.94
CA LEU D 455 25.97 22.43 4.46
C LEU D 455 27.08 22.67 3.44
N LEU D 456 27.57 21.60 2.81
CA LEU D 456 28.55 21.75 1.75
C LEU D 456 28.00 22.58 0.61
N SER D 457 26.68 22.58 0.43
CA SER D 457 26.07 23.42 -0.59
C SER D 457 26.20 24.90 -0.24
N SER D 458 26.11 25.25 1.04
CA SER D 458 26.25 26.65 1.42
C SER D 458 27.69 27.14 1.32
N LEU D 459 28.65 26.23 1.17
CA LEU D 459 30.06 26.54 1.01
C LEU D 459 30.40 26.37 -0.47
N GLY D 460 30.29 27.45 -1.23
CA GLY D 460 30.50 27.36 -2.66
C GLY D 460 29.42 28.07 -3.44
N GLN D 461 28.73 29.01 -2.80
CA GLN D 461 27.64 29.74 -3.43
C GLN D 461 28.02 31.20 -3.65
#